data_8K3J
#
_entry.id   8K3J
#
_cell.length_a   1.00
_cell.length_b   1.00
_cell.length_c   1.00
_cell.angle_alpha   90.00
_cell.angle_beta   90.00
_cell.angle_gamma   90.00
#
_symmetry.space_group_name_H-M   'P 1'
#
loop_
_entity.id
_entity.type
_entity.pdbx_description
1 polymer Contactin-2
2 branched alpha-D-mannopyranose-(1-3)-beta-D-mannopyranose-(1-4)-2-acetamido-2-deoxy-beta-D-glucopyranose-(1-4)-2-acetamido-2-deoxy-beta-D-glucopyranose
3 branched 2-acetamido-2-deoxy-beta-D-glucopyranose-(1-4)-2-acetamido-2-deoxy-beta-D-glucopyranose
4 non-polymer 2-acetamido-2-deoxy-beta-D-glucopyranose
#
_entity_poly.entity_id   1
_entity_poly.type   'polypeptide(L)'
_entity_poly.pdbx_seq_one_letter_code
;SQTTFGPVFEDQPLSVLFPEESTEEQVLLACRARASPPATYRWKMNGTEMKLEPGSRHQLVGGNLVIMNPTKAQDAGVYQ
CLASNPVGTVVSREAILRFGFLQEFSKEERDPVKAHEGWGVMLPCNPPAHYPGLSYRWLLNEFPNFIPTDGRHFVSQTTG
NLYIARTNASDLGNYSCLATSHMDFSTKSVFSKFAQLNLAAEDTRLFAPSIKARFPAETYALVGQQVTLECFAFGNPVPR
IKWRKVDGSLSPQWTTAEPTLQIPSVSFEDEGTYECEAENSKGRDTVQGRIIVQAQPEWLKVISDTEADIGSNLRWGCAA
AGKPRPTVRWLRNGEPLASQNRVEVLAGDLRFSKLSLEDSGMYQCVAENKHGTIYASAELAVQALAPDFRLNPVRRLIPA
ARGGEILIPCQPRAAPKAVVLWSKGTEILVNSSRVTVTPDGTLIIRNISRSDEGKYTCFAENFMGKANSTGILSVRDATK
ITLAPSSADINLGDNLTLQCHASHDPTMDLTFTWTLDDFPIDFDKPGGHYRRTNVKETIGDLTILNAQLRHGGKYTCMAQ
TVVDSASKEATVLVRGPPGPPGGVVVRDIGDTTIQLSWSRGFDNHSPIAKYTLQARTPPAGKWKQVRTNPANIEGNAETA
QVLGLTPWMDYEFRVIASNILGTGEPSGPSSKIRTREAAPSVAPSGLSGGGGAPGELIVNWTPMSREYQNGDGFGYLLSF
RRQGSTHWQTARVPGADAQYFVYSNESVRPYTPFEVKIRSYNRRGDGPESLTALVYSAEEEPRVAPTKVWAKGVSSSEMN
VTWEPVQQDMNGILLGYEIRYWKAGDKEAAADRVRTAGLDTSARVSGLHPNTKYHVTVRAYNRAGTGPASPSANATTMKP
PPRRPPGNISWTFSSSSLSIKWDPVVPFRNESAVTGYKMLYQNDLHLTPTLHLTGKNWIEIPVPEDIGHALVQIRTTGPG
GDGIPAEVHIVRNGGTSMMVEN
;
_entity_poly.pdbx_strand_id   A,B
#
loop_
_chem_comp.id
_chem_comp.type
_chem_comp.name
_chem_comp.formula
BMA D-saccharide, beta linking beta-D-mannopyranose 'C6 H12 O6'
MAN D-saccharide, alpha linking alpha-D-mannopyranose 'C6 H12 O6'
NAG D-saccharide, beta linking 2-acetamido-2-deoxy-beta-D-glucopyranose 'C8 H15 N O6'
#
# COMPACT_ATOMS: atom_id res chain seq x y z
N GLN A 2 5.00 13.20 -19.43
CA GLN A 2 6.24 13.42 -18.72
C GLN A 2 7.32 12.42 -19.17
N THR A 3 7.60 12.44 -20.47
CA THR A 3 8.52 11.54 -21.17
C THR A 3 8.44 10.11 -20.64
N THR A 4 7.22 9.65 -20.38
CA THR A 4 6.94 8.29 -19.94
C THR A 4 6.03 7.61 -20.95
N PHE A 5 6.32 7.79 -22.24
CA PHE A 5 5.49 7.30 -23.32
C PHE A 5 6.34 6.48 -24.29
N GLY A 6 6.21 5.16 -24.22
CA GLY A 6 6.69 4.31 -25.28
C GLY A 6 5.80 4.49 -26.49
N PRO A 7 6.33 4.31 -27.69
CA PRO A 7 5.54 4.58 -28.89
C PRO A 7 4.42 3.57 -29.08
N VAL A 8 3.35 3.73 -28.29
CA VAL A 8 2.22 2.81 -28.38
C VAL A 8 1.59 2.90 -29.76
N PHE A 9 1.06 1.78 -30.24
CA PHE A 9 0.47 1.71 -31.57
C PHE A 9 -1.04 1.89 -31.50
N GLU A 10 -1.60 2.53 -32.53
CA GLU A 10 -3.05 2.68 -32.62
C GLU A 10 -3.63 2.36 -34.00
N ASP A 11 -2.80 2.23 -35.04
CA ASP A 11 -3.29 1.91 -36.38
C ASP A 11 -2.17 1.22 -37.12
N GLN A 12 -2.29 -0.09 -37.29
CA GLN A 12 -1.30 -0.88 -38.00
C GLN A 12 -1.79 -1.23 -39.39
N PRO A 13 -0.88 -1.40 -40.36
CA PRO A 13 -1.29 -1.55 -41.75
C PRO A 13 -2.10 -2.81 -41.99
N LEU A 14 -2.75 -2.85 -43.16
CA LEU A 14 -3.68 -3.93 -43.51
C LEU A 14 -3.37 -4.42 -44.92
N SER A 15 -3.56 -5.72 -45.13
CA SER A 15 -3.29 -6.33 -46.42
C SER A 15 -4.27 -5.83 -47.47
N VAL A 16 -3.76 -5.65 -48.70
CA VAL A 16 -4.58 -5.13 -49.79
C VAL A 16 -4.42 -6.02 -51.02
N LEU A 17 -5.48 -6.02 -51.84
CA LEU A 17 -5.51 -6.69 -53.13
C LEU A 17 -5.83 -5.64 -54.18
N PHE A 18 -4.79 -5.17 -54.86
CA PHE A 18 -4.91 -4.15 -55.90
C PHE A 18 -5.27 -4.83 -57.22
N PRO A 19 -6.44 -4.55 -57.79
CA PRO A 19 -6.78 -5.14 -59.08
C PRO A 19 -5.95 -4.54 -60.21
N GLU A 20 -5.45 -5.40 -61.08
CA GLU A 20 -4.74 -4.93 -62.26
C GLU A 20 -5.74 -4.38 -63.28
N GLU A 21 -5.21 -3.80 -64.35
CA GLU A 21 -5.98 -3.09 -65.38
C GLU A 21 -7.11 -2.27 -64.77
N SER A 22 -6.80 -1.61 -63.65
CA SER A 22 -7.76 -0.79 -62.93
C SER A 22 -7.65 0.66 -63.40
N THR A 23 -8.29 1.58 -62.68
CA THR A 23 -8.27 2.99 -63.01
C THR A 23 -7.71 3.84 -61.87
N GLU A 24 -7.03 3.22 -60.91
CA GLU A 24 -6.46 3.91 -59.77
C GLU A 24 -4.96 4.16 -59.99
N GLU A 25 -4.40 4.98 -59.11
CA GLU A 25 -3.03 5.44 -59.29
C GLU A 25 -2.17 5.38 -58.03
N GLN A 26 -2.75 5.13 -56.86
CA GLN A 26 -1.97 5.12 -55.63
C GLN A 26 -2.59 4.15 -54.64
N VAL A 27 -1.76 3.71 -53.69
CA VAL A 27 -2.21 2.86 -52.59
C VAL A 27 -1.62 3.41 -51.30
N LEU A 28 -2.32 3.16 -50.20
CA LEU A 28 -1.96 3.69 -48.89
C LEU A 28 -1.83 2.56 -47.88
N LEU A 29 -0.80 2.63 -47.05
CA LEU A 29 -0.62 1.70 -45.94
C LEU A 29 -0.40 2.52 -44.67
N ALA A 30 -1.30 2.36 -43.70
CA ALA A 30 -1.38 3.29 -42.58
C ALA A 30 -0.62 2.79 -41.36
N CYS A 31 0.09 3.70 -40.70
CA CYS A 31 0.84 3.40 -39.48
C CYS A 31 0.71 4.60 -38.56
N ARG A 32 0.20 4.38 -37.34
CA ARG A 32 -0.03 5.47 -36.40
C ARG A 32 0.42 5.08 -35.01
N ALA A 33 1.25 5.95 -34.42
CA ALA A 33 1.78 5.73 -33.08
C ALA A 33 1.53 6.96 -32.20
N ARG A 34 1.14 6.69 -30.96
CA ARG A 34 1.01 7.69 -29.91
C ARG A 34 2.28 7.62 -29.06
N ALA A 35 2.98 8.76 -28.94
CA ALA A 35 4.22 8.81 -28.18
C ALA A 35 4.42 10.24 -27.68
N SER A 36 5.29 10.36 -26.67
CA SER A 36 5.63 11.66 -26.08
C SER A 36 7.08 11.58 -25.61
N PRO A 37 8.01 12.16 -26.36
CA PRO A 37 7.86 12.96 -27.60
C PRO A 37 7.37 12.14 -28.79
N PRO A 38 6.88 12.78 -29.84
CA PRO A 38 6.36 12.03 -30.99
C PRO A 38 7.43 11.15 -31.63
N ALA A 39 6.98 10.02 -32.15
CA ALA A 39 7.87 9.00 -32.70
C ALA A 39 8.16 9.24 -34.17
N THR A 40 9.18 8.54 -34.67
CA THR A 40 9.56 8.60 -36.08
C THR A 40 9.40 7.21 -36.70
N TYR A 41 9.08 7.18 -37.99
CA TYR A 41 8.64 5.96 -38.64
C TYR A 41 9.63 5.52 -39.72
N ARG A 42 9.87 4.21 -39.79
CA ARG A 42 10.61 3.61 -40.88
C ARG A 42 9.81 2.46 -41.45
N TRP A 43 10.04 2.14 -42.72
CA TRP A 43 9.26 1.12 -43.41
C TRP A 43 10.18 0.05 -43.98
N LYS A 44 9.86 -1.20 -43.68
CA LYS A 44 10.62 -2.36 -44.14
C LYS A 44 9.82 -3.09 -45.21
N MET A 45 10.47 -3.42 -46.33
CA MET A 45 9.83 -4.10 -47.45
C MET A 45 10.64 -5.35 -47.77
N ASN A 46 10.04 -6.53 -47.55
CA ASN A 46 10.73 -7.82 -47.62
C ASN A 46 11.88 -7.92 -46.61
N GLY A 47 11.91 -7.05 -45.61
CA GLY A 47 12.91 -7.14 -44.57
C GLY A 47 13.96 -6.05 -44.61
N THR A 48 14.42 -5.71 -45.82
CA THR A 48 15.42 -4.68 -45.97
C THR A 48 14.80 -3.31 -45.70
N GLU A 49 15.52 -2.48 -44.95
CA GLU A 49 15.03 -1.14 -44.65
C GLU A 49 15.06 -0.30 -45.92
N MET A 50 13.91 0.22 -46.32
CA MET A 50 13.82 1.04 -47.51
C MET A 50 14.59 2.34 -47.33
N LYS A 51 15.09 2.87 -48.45
CA LYS A 51 15.70 4.20 -48.47
C LYS A 51 14.67 5.15 -49.06
N LEU A 52 13.84 5.73 -48.18
CA LEU A 52 12.79 6.62 -48.64
C LEU A 52 13.39 7.95 -49.11
N GLU A 53 13.76 8.00 -50.37
CA GLU A 53 14.31 9.16 -51.06
C GLU A 53 13.21 10.21 -51.21
N PRO A 54 13.48 11.40 -51.80
CA PRO A 54 12.38 12.34 -52.06
C PRO A 54 11.39 11.78 -53.07
N GLY A 55 10.42 12.58 -53.49
CA GLY A 55 9.18 12.04 -54.02
C GLY A 55 9.31 11.28 -55.32
N SER A 56 10.12 10.23 -55.30
CA SER A 56 10.19 9.25 -56.37
C SER A 56 9.42 8.02 -55.93
N ARG A 57 8.26 7.79 -56.55
CA ARG A 57 7.38 6.66 -56.24
C ARG A 57 6.99 6.63 -54.76
N HIS A 58 7.76 5.93 -53.94
CA HIS A 58 7.41 5.74 -52.54
C HIS A 58 7.57 7.05 -51.76
N GLN A 59 6.57 7.37 -50.95
CA GLN A 59 6.54 8.61 -50.18
C GLN A 59 5.96 8.34 -48.79
N LEU A 60 6.29 9.24 -47.86
CA LEU A 60 5.81 9.17 -46.50
C LEU A 60 4.89 10.35 -46.22
N VAL A 61 3.71 10.07 -45.67
CA VAL A 61 2.72 11.08 -45.32
C VAL A 61 2.32 10.81 -43.87
N GLY A 62 2.99 11.47 -42.93
CA GLY A 62 2.63 11.36 -41.52
C GLY A 62 2.70 9.97 -40.97
N GLY A 63 3.59 9.13 -41.49
CA GLY A 63 3.68 7.74 -41.09
C GLY A 63 3.01 6.77 -42.04
N ASN A 64 2.19 7.27 -42.96
CA ASN A 64 1.55 6.40 -43.94
C ASN A 64 2.43 6.28 -45.18
N LEU A 65 2.55 5.05 -45.69
CA LEU A 65 3.30 4.80 -46.90
C LEU A 65 2.39 4.98 -48.11
N VAL A 66 2.90 5.68 -49.12
CA VAL A 66 2.15 5.99 -50.33
C VAL A 66 3.03 5.56 -51.51
N ILE A 67 2.62 4.51 -52.21
CA ILE A 67 3.30 4.12 -53.43
C ILE A 67 2.61 4.78 -54.63
N MET A 68 3.40 5.11 -55.64
CA MET A 68 2.91 5.80 -56.83
C MET A 68 2.99 4.87 -58.03
N ASN A 69 1.91 4.82 -58.81
CA ASN A 69 1.80 3.96 -59.97
C ASN A 69 2.11 2.50 -59.63
N PRO A 70 1.33 1.87 -58.76
CA PRO A 70 1.64 0.49 -58.35
C PRO A 70 1.60 -0.46 -59.52
N THR A 71 2.53 -1.41 -59.53
CA THR A 71 2.61 -2.43 -60.56
C THR A 71 3.18 -3.69 -59.93
N LYS A 72 2.71 -4.85 -60.39
CA LYS A 72 3.17 -6.12 -59.84
C LYS A 72 4.67 -6.31 -60.02
N ALA A 73 5.29 -5.61 -60.97
CA ALA A 73 6.69 -5.85 -61.28
C ALA A 73 7.60 -5.52 -60.11
N GLN A 74 7.38 -4.38 -59.44
CA GLN A 74 8.32 -3.96 -58.42
C GLN A 74 7.63 -3.35 -57.19
N ASP A 75 6.39 -3.75 -56.89
CA ASP A 75 5.71 -3.26 -55.72
C ASP A 75 5.02 -4.33 -54.87
N ALA A 76 4.99 -5.58 -55.32
CA ALA A 76 4.27 -6.63 -54.59
C ALA A 76 5.16 -7.22 -53.51
N GLY A 77 4.71 -7.17 -52.26
CA GLY A 77 5.48 -7.71 -51.17
C GLY A 77 4.81 -7.66 -49.81
N VAL A 78 5.64 -7.69 -48.75
CA VAL A 78 5.18 -7.64 -47.37
C VAL A 78 5.85 -6.44 -46.70
N TYR A 79 5.04 -5.60 -46.07
CA TYR A 79 5.48 -4.32 -45.54
C TYR A 79 5.30 -4.27 -44.03
N GLN A 80 6.28 -3.69 -43.34
CA GLN A 80 6.25 -3.51 -41.90
C GLN A 80 6.61 -2.08 -41.55
N CYS A 81 6.13 -1.63 -40.40
CA CYS A 81 6.34 -0.26 -39.93
C CYS A 81 6.98 -0.29 -38.56
N LEU A 82 8.03 0.52 -38.39
CA LEU A 82 8.77 0.61 -37.13
C LEU A 82 8.59 2.03 -36.60
N ALA A 83 8.07 2.14 -35.37
CA ALA A 83 7.89 3.43 -34.72
C ALA A 83 8.90 3.55 -33.59
N SER A 84 9.77 4.56 -33.67
CA SER A 84 10.92 4.68 -32.77
C SER A 84 10.82 5.98 -31.98
N ASN A 85 11.30 5.92 -30.74
CA ASN A 85 11.28 7.02 -29.79
C ASN A 85 12.59 6.99 -29.03
N PRO A 86 12.94 8.08 -28.33
CA PRO A 86 14.08 8.01 -27.42
C PRO A 86 13.94 6.93 -26.35
N VAL A 87 12.71 6.66 -25.91
CA VAL A 87 12.49 5.60 -24.94
C VAL A 87 12.77 4.24 -25.56
N GLY A 88 12.24 3.99 -26.75
CA GLY A 88 12.41 2.71 -27.41
C GLY A 88 11.65 2.67 -28.72
N THR A 89 11.72 1.51 -29.37
CA THR A 89 11.07 1.30 -30.66
C THR A 89 10.12 0.13 -30.57
N VAL A 90 9.12 0.15 -31.45
CA VAL A 90 8.16 -0.94 -31.58
C VAL A 90 7.98 -1.26 -33.06
N VAL A 91 7.55 -2.49 -33.33
CA VAL A 91 7.39 -3.00 -34.68
C VAL A 91 5.96 -3.49 -34.85
N SER A 92 5.32 -3.07 -35.94
CA SER A 92 3.92 -3.38 -36.18
C SER A 92 3.78 -4.71 -36.91
N ARG A 93 2.53 -5.13 -37.12
CA ARG A 93 2.22 -6.35 -37.83
C ARG A 93 2.44 -6.16 -39.33
N GLU A 94 2.48 -7.28 -40.05
CA GLU A 94 2.78 -7.26 -41.47
C GLU A 94 1.60 -6.71 -42.27
N ALA A 95 1.86 -6.41 -43.54
CA ALA A 95 0.79 -6.03 -44.46
C ALA A 95 1.20 -6.47 -45.86
N ILE A 96 0.45 -7.39 -46.43
CA ILE A 96 0.79 -7.97 -47.73
C ILE A 96 0.03 -7.23 -48.82
N LEU A 97 0.74 -6.85 -49.88
CA LEU A 97 0.14 -6.22 -51.05
C LEU A 97 0.17 -7.22 -52.20
N ARG A 98 -1.00 -7.62 -52.67
CA ARG A 98 -1.09 -8.61 -53.74
C ARG A 98 -1.95 -8.06 -54.88
N PHE A 99 -1.60 -8.42 -56.10
CA PHE A 99 -2.29 -7.94 -57.28
C PHE A 99 -3.33 -8.95 -57.76
N GLY A 100 -4.31 -8.45 -58.50
CA GLY A 100 -5.36 -9.28 -59.05
C GLY A 100 -5.55 -9.05 -60.53
N PHE A 101 -5.68 -10.14 -61.27
CA PHE A 101 -5.72 -10.08 -62.72
C PHE A 101 -6.39 -11.34 -63.27
N LEU A 102 -6.62 -11.33 -64.58
CA LEU A 102 -7.13 -12.49 -65.29
C LEU A 102 -6.69 -12.36 -66.74
N GLN A 103 -5.83 -13.28 -67.20
CA GLN A 103 -5.22 -13.16 -68.51
C GLN A 103 -6.20 -13.58 -69.60
N GLU A 104 -5.70 -13.68 -70.84
CA GLU A 104 -6.49 -14.08 -71.99
C GLU A 104 -6.23 -15.54 -72.33
N PHE A 105 -7.26 -16.22 -72.80
CA PHE A 105 -7.19 -17.65 -73.05
C PHE A 105 -6.25 -17.94 -74.22
N SER A 106 -5.60 -19.11 -74.17
CA SER A 106 -4.68 -19.51 -75.22
C SER A 106 -5.41 -19.63 -76.56
N LYS A 107 -4.74 -19.18 -77.62
CA LYS A 107 -5.38 -19.02 -78.92
C LYS A 107 -5.35 -20.27 -79.79
N GLU A 108 -4.65 -21.33 -79.38
CA GLU A 108 -4.62 -22.52 -80.20
C GLU A 108 -5.96 -23.26 -80.16
N GLU A 109 -6.23 -24.00 -81.23
CA GLU A 109 -7.51 -24.67 -81.37
C GLU A 109 -7.59 -25.90 -80.47
N ARG A 110 -8.78 -26.11 -79.90
CA ARG A 110 -9.01 -27.28 -79.07
C ARG A 110 -9.16 -28.54 -79.93
N ASP A 111 -8.57 -29.63 -79.45
CA ASP A 111 -8.64 -30.88 -80.20
C ASP A 111 -10.07 -31.40 -80.23
N PRO A 112 -10.45 -32.11 -81.29
CA PRO A 112 -11.79 -32.70 -81.34
C PRO A 112 -11.84 -34.03 -80.61
N VAL A 113 -12.69 -34.12 -79.59
CA VAL A 113 -12.81 -35.31 -78.77
C VAL A 113 -13.77 -36.28 -79.46
N LYS A 114 -13.29 -37.48 -79.76
CA LYS A 114 -14.14 -38.53 -80.29
C LYS A 114 -15.02 -39.08 -79.18
N ALA A 115 -16.28 -39.35 -79.49
CA ALA A 115 -17.21 -39.94 -78.54
C ALA A 115 -17.93 -41.09 -79.21
N HIS A 116 -18.45 -42.01 -78.41
CA HIS A 116 -19.33 -43.05 -78.89
C HIS A 116 -20.65 -42.92 -78.16
N GLU A 117 -21.74 -42.92 -78.92
CA GLU A 117 -23.06 -42.62 -78.36
C GLU A 117 -23.40 -43.60 -77.26
N GLY A 118 -23.83 -43.07 -76.11
CA GLY A 118 -24.22 -43.87 -74.97
C GLY A 118 -23.27 -43.86 -73.80
N TRP A 119 -21.97 -43.60 -74.04
CA TRP A 119 -21.02 -43.54 -72.94
C TRP A 119 -20.92 -42.11 -72.41
N GLY A 120 -19.94 -41.87 -71.55
CA GLY A 120 -19.68 -40.54 -71.01
C GLY A 120 -18.38 -40.00 -71.56
N VAL A 121 -18.25 -38.67 -71.58
CA VAL A 121 -17.12 -38.01 -72.22
C VAL A 121 -16.53 -36.97 -71.29
N MET A 122 -15.30 -36.58 -71.59
CA MET A 122 -14.54 -35.59 -70.83
C MET A 122 -14.32 -34.35 -71.68
N LEU A 123 -14.69 -33.19 -71.15
CA LEU A 123 -14.55 -31.91 -71.83
C LEU A 123 -13.90 -30.91 -70.88
N PRO A 124 -12.58 -30.93 -70.75
CA PRO A 124 -11.90 -29.95 -69.91
C PRO A 124 -11.74 -28.62 -70.61
N CYS A 125 -11.47 -27.57 -69.82
CA CYS A 125 -11.27 -26.26 -70.41
C CYS A 125 -10.13 -25.49 -69.75
N ASN A 126 -9.18 -26.19 -69.11
CA ASN A 126 -7.82 -25.76 -68.77
C ASN A 126 -7.70 -24.24 -68.54
N PRO A 127 -8.31 -23.72 -67.48
CA PRO A 127 -8.43 -22.27 -67.35
C PRO A 127 -7.06 -21.61 -67.29
N PRO A 128 -6.96 -20.37 -67.78
CA PRO A 128 -5.66 -19.68 -67.81
C PRO A 128 -5.24 -19.17 -66.44
N ALA A 129 -4.13 -18.44 -66.39
CA ALA A 129 -3.65 -17.89 -65.13
C ALA A 129 -4.64 -16.86 -64.59
N HIS A 130 -4.85 -16.90 -63.28
CA HIS A 130 -5.89 -16.09 -62.66
C HIS A 130 -5.57 -15.90 -61.18
N TYR A 131 -6.16 -14.85 -60.61
CA TYR A 131 -6.14 -14.62 -59.18
C TYR A 131 -7.27 -13.65 -58.83
N PRO A 132 -8.22 -14.02 -57.97
CA PRO A 132 -8.42 -15.32 -57.32
C PRO A 132 -9.32 -16.27 -58.11
N GLY A 133 -9.88 -17.28 -57.44
CA GLY A 133 -10.65 -18.28 -58.15
C GLY A 133 -11.85 -17.69 -58.85
N LEU A 134 -12.16 -18.25 -60.02
CA LEU A 134 -13.19 -17.75 -60.91
C LEU A 134 -14.43 -18.63 -60.83
N SER A 135 -15.45 -18.24 -61.59
CA SER A 135 -16.67 -19.03 -61.75
C SER A 135 -16.76 -19.49 -63.20
N TYR A 136 -17.08 -20.76 -63.40
CA TYR A 136 -16.93 -21.43 -64.69
C TYR A 136 -18.29 -21.76 -65.28
N ARG A 137 -18.40 -21.63 -66.61
CA ARG A 137 -19.61 -21.97 -67.34
C ARG A 137 -19.22 -22.48 -68.73
N TRP A 138 -20.18 -23.17 -69.36
CA TRP A 138 -19.97 -23.80 -70.65
C TRP A 138 -21.00 -23.33 -71.66
N LEU A 139 -20.55 -23.14 -72.90
CA LEU A 139 -21.35 -22.62 -74.01
C LEU A 139 -21.32 -23.62 -75.15
N LEU A 140 -22.41 -23.67 -75.91
CA LEU A 140 -22.52 -24.58 -77.03
C LEU A 140 -23.04 -23.84 -78.26
N ASN A 141 -22.37 -24.06 -79.40
CA ASN A 141 -22.84 -23.61 -80.70
C ASN A 141 -22.88 -22.08 -80.81
N GLU A 142 -23.86 -21.45 -80.18
CA GLU A 142 -24.10 -20.03 -80.34
C GLU A 142 -23.50 -19.23 -79.18
N PHE A 143 -23.27 -17.95 -79.44
CA PHE A 143 -22.77 -17.01 -78.45
C PHE A 143 -23.72 -15.83 -78.32
N PRO A 144 -24.35 -15.62 -77.17
CA PRO A 144 -24.33 -16.47 -75.98
C PRO A 144 -25.57 -17.36 -75.84
N ASN A 145 -25.36 -18.67 -75.88
CA ASN A 145 -26.36 -19.65 -75.48
C ASN A 145 -26.13 -19.96 -74.01
N PHE A 146 -26.75 -21.04 -73.50
CA PHE A 146 -26.45 -21.49 -72.15
C PHE A 146 -26.76 -22.96 -72.04
N ILE A 147 -25.74 -23.77 -71.78
CA ILE A 147 -25.92 -25.21 -71.59
C ILE A 147 -26.80 -25.43 -70.36
N PRO A 148 -27.84 -26.27 -70.44
CA PRO A 148 -28.71 -26.47 -69.28
C PRO A 148 -27.97 -27.15 -68.15
N THR A 149 -28.35 -26.77 -66.92
CA THR A 149 -27.80 -27.37 -65.70
C THR A 149 -28.82 -28.39 -65.20
N ASP A 150 -28.87 -29.54 -65.87
CA ASP A 150 -29.74 -30.63 -65.49
C ASP A 150 -28.93 -31.70 -64.77
N GLY A 151 -29.57 -32.82 -64.45
CA GLY A 151 -28.85 -33.94 -63.86
C GLY A 151 -27.99 -34.71 -64.84
N ARG A 152 -28.20 -34.51 -66.14
CA ARG A 152 -27.42 -35.19 -67.17
C ARG A 152 -26.01 -34.63 -67.30
N HIS A 153 -25.79 -33.37 -66.96
CA HIS A 153 -24.48 -32.73 -67.09
C HIS A 153 -24.09 -32.14 -65.75
N PHE A 154 -22.77 -32.00 -65.54
CA PHE A 154 -22.27 -31.38 -64.33
C PHE A 154 -21.00 -30.60 -64.66
N VAL A 155 -20.87 -29.41 -64.08
CA VAL A 155 -19.74 -28.53 -64.32
C VAL A 155 -19.15 -28.17 -62.96
N SER A 156 -18.10 -28.88 -62.56
CA SER A 156 -17.44 -28.60 -61.30
C SER A 156 -16.81 -27.22 -61.32
N GLN A 157 -16.75 -26.58 -60.14
CA GLN A 157 -16.17 -25.25 -60.01
C GLN A 157 -14.71 -25.29 -59.57
N THR A 158 -14.09 -26.47 -59.45
CA THR A 158 -12.69 -26.57 -59.08
C THR A 158 -11.78 -26.94 -60.24
N THR A 159 -12.31 -27.55 -61.30
CA THR A 159 -11.53 -27.84 -62.49
C THR A 159 -12.25 -27.34 -63.73
N GLY A 160 -13.59 -27.33 -63.69
CA GLY A 160 -14.39 -26.79 -64.75
C GLY A 160 -14.77 -27.77 -65.85
N ASN A 161 -14.22 -28.97 -65.84
CA ASN A 161 -14.49 -29.92 -66.91
C ASN A 161 -15.96 -30.34 -66.90
N LEU A 162 -16.50 -30.53 -68.10
CA LEU A 162 -17.86 -31.03 -68.25
C LEU A 162 -17.92 -32.50 -67.90
N TYR A 163 -19.08 -32.93 -67.41
CA TYR A 163 -19.34 -34.34 -67.10
C TYR A 163 -20.64 -34.74 -67.79
N ILE A 164 -20.52 -35.12 -69.06
CA ILE A 164 -21.67 -35.56 -69.84
C ILE A 164 -21.93 -37.03 -69.49
N ALA A 165 -22.97 -37.27 -68.68
CA ALA A 165 -23.24 -38.63 -68.20
C ALA A 165 -23.58 -39.56 -69.36
N ARG A 166 -24.51 -39.15 -70.22
CA ARG A 166 -24.94 -39.96 -71.35
C ARG A 166 -24.89 -39.13 -72.62
N THR A 167 -24.51 -39.76 -73.72
CA THR A 167 -24.33 -39.09 -75.00
C THR A 167 -25.38 -39.58 -75.98
N ASN A 168 -26.09 -38.63 -76.60
CA ASN A 168 -27.10 -38.96 -77.61
C ASN A 168 -26.97 -37.98 -78.77
N ALA A 169 -27.98 -37.97 -79.64
CA ALA A 169 -27.90 -37.20 -80.88
C ALA A 169 -27.81 -35.71 -80.64
N SER A 170 -28.51 -35.19 -79.63
CA SER A 170 -28.52 -33.75 -79.38
C SER A 170 -27.17 -33.21 -78.92
N ASP A 171 -26.23 -34.08 -78.57
CA ASP A 171 -24.92 -33.65 -78.09
C ASP A 171 -23.97 -33.23 -79.21
N LEU A 172 -24.37 -33.39 -80.46
CA LEU A 172 -23.53 -32.92 -81.57
C LEU A 172 -23.41 -31.40 -81.53
N GLY A 173 -22.20 -30.91 -81.71
CA GLY A 173 -21.94 -29.48 -81.70
C GLY A 173 -20.49 -29.20 -81.37
N ASN A 174 -20.25 -27.96 -80.95
CA ASN A 174 -18.92 -27.48 -80.59
C ASN A 174 -18.99 -26.76 -79.26
N TYR A 175 -18.23 -27.24 -78.29
CA TYR A 175 -18.29 -26.78 -76.91
C TYR A 175 -17.17 -25.79 -76.62
N SER A 176 -17.50 -24.73 -75.88
CA SER A 176 -16.55 -23.71 -75.47
C SER A 176 -16.69 -23.46 -73.98
N CYS A 177 -15.58 -23.16 -73.33
CA CYS A 177 -15.58 -22.80 -71.91
C CYS A 177 -15.58 -21.28 -71.78
N LEU A 178 -15.99 -20.80 -70.62
CA LEU A 178 -15.75 -19.41 -70.28
C LEU A 178 -15.52 -19.30 -68.78
N ALA A 179 -14.79 -18.25 -68.39
CA ALA A 179 -14.47 -17.98 -67.00
C ALA A 179 -14.88 -16.56 -66.68
N THR A 180 -15.46 -16.37 -65.50
CA THR A 180 -15.85 -15.06 -65.00
C THR A 180 -15.10 -14.79 -63.71
N SER A 181 -14.45 -13.63 -63.66
CA SER A 181 -13.70 -13.21 -62.47
C SER A 181 -14.57 -12.27 -61.66
N HIS A 182 -14.81 -12.62 -60.41
CA HIS A 182 -15.63 -11.81 -59.51
C HIS A 182 -14.72 -11.10 -58.52
N MET A 183 -14.69 -9.77 -58.61
CA MET A 183 -13.89 -8.94 -57.73
C MET A 183 -14.75 -7.78 -57.22
N ASP A 184 -14.21 -7.05 -56.24
CA ASP A 184 -14.96 -5.95 -55.66
C ASP A 184 -15.20 -4.85 -56.68
N PHE A 185 -14.22 -4.57 -57.53
CA PHE A 185 -14.29 -3.43 -58.45
C PHE A 185 -14.85 -3.80 -59.81
N SER A 186 -14.21 -4.74 -60.52
CA SER A 186 -14.55 -5.01 -61.91
C SER A 186 -14.78 -6.50 -62.11
N THR A 187 -15.50 -6.82 -63.17
CA THR A 187 -15.81 -8.18 -63.56
C THR A 187 -15.36 -8.40 -65.00
N LYS A 188 -14.63 -9.49 -65.24
CA LYS A 188 -14.12 -9.80 -66.57
C LYS A 188 -14.55 -11.21 -66.95
N SER A 189 -14.82 -11.40 -68.24
CA SER A 189 -15.26 -12.69 -68.77
C SER A 189 -14.39 -13.07 -69.96
N VAL A 190 -13.84 -14.28 -69.93
CA VAL A 190 -12.95 -14.77 -70.97
C VAL A 190 -13.52 -16.06 -71.54
N PHE A 191 -13.73 -16.08 -72.86
CA PHE A 191 -14.27 -17.23 -73.56
C PHE A 191 -13.16 -18.00 -74.26
N SER A 192 -13.41 -19.27 -74.53
CA SER A 192 -12.43 -20.17 -75.09
C SER A 192 -12.83 -20.62 -76.49
N LYS A 193 -11.82 -21.04 -77.26
CA LYS A 193 -12.05 -21.53 -78.60
C LYS A 193 -12.93 -22.78 -78.57
N PHE A 194 -13.51 -23.11 -79.71
CA PHE A 194 -14.47 -24.21 -79.77
C PHE A 194 -13.77 -25.55 -79.92
N ALA A 195 -14.40 -26.59 -79.37
CA ALA A 195 -13.99 -27.98 -79.55
C ALA A 195 -15.19 -28.73 -80.07
N GLN A 196 -15.13 -29.15 -81.33
CA GLN A 196 -16.27 -29.81 -81.97
C GLN A 196 -16.26 -31.29 -81.60
N LEU A 197 -17.31 -31.72 -80.92
CA LEU A 197 -17.45 -33.10 -80.48
C LEU A 197 -18.28 -33.88 -81.49
N ASN A 198 -17.81 -35.08 -81.83
CA ASN A 198 -18.51 -35.95 -82.77
C ASN A 198 -18.72 -37.31 -82.14
N LEU A 199 -19.81 -37.96 -82.54
CA LEU A 199 -20.26 -39.22 -81.95
C LEU A 199 -20.28 -40.33 -82.99
N ALA A 200 -19.85 -41.51 -82.57
CA ALA A 200 -19.80 -42.71 -83.40
C ALA A 200 -21.08 -43.52 -83.21
N ALA A 201 -21.04 -44.79 -83.63
CA ALA A 201 -22.21 -45.65 -83.59
C ALA A 201 -22.77 -45.77 -82.17
N GLU A 202 -24.06 -46.07 -82.10
CA GLU A 202 -24.79 -46.11 -80.84
C GLU A 202 -24.49 -47.37 -80.04
N ASP A 203 -24.35 -47.22 -78.73
CA ASP A 203 -24.21 -48.35 -77.82
C ASP A 203 -24.72 -47.92 -76.46
N THR A 204 -25.91 -48.39 -76.07
CA THR A 204 -26.56 -48.00 -74.83
C THR A 204 -26.88 -49.22 -74.00
N ARG A 205 -26.37 -49.24 -72.77
CA ARG A 205 -26.72 -50.25 -71.77
C ARG A 205 -26.73 -49.59 -70.40
N LEU A 206 -27.64 -50.05 -69.55
CA LEU A 206 -27.71 -49.56 -68.17
C LEU A 206 -26.59 -50.19 -67.36
N PHE A 207 -25.70 -49.36 -66.81
CA PHE A 207 -24.52 -49.82 -66.12
C PHE A 207 -24.47 -49.24 -64.71
N ALA A 208 -23.59 -49.81 -63.89
CA ALA A 208 -23.39 -49.32 -62.55
C ALA A 208 -22.66 -47.97 -62.57
N PRO A 209 -22.95 -47.09 -61.61
CA PRO A 209 -22.24 -45.82 -61.56
C PRO A 209 -20.75 -46.01 -61.30
N SER A 210 -19.95 -45.12 -61.88
CA SER A 210 -18.51 -45.07 -61.63
C SER A 210 -18.17 -43.65 -61.23
N ILE A 211 -17.70 -43.46 -60.00
CA ILE A 211 -17.46 -42.12 -59.49
C ILE A 211 -16.22 -41.54 -60.15
N LYS A 212 -16.34 -40.33 -60.69
CA LYS A 212 -15.24 -39.68 -61.38
C LYS A 212 -14.73 -38.44 -60.65
N ALA A 213 -15.61 -37.49 -60.36
CA ALA A 213 -15.24 -36.30 -59.61
C ALA A 213 -15.47 -36.58 -58.13
N ARG A 214 -14.39 -36.61 -57.35
CA ARG A 214 -14.47 -36.93 -55.94
C ARG A 214 -13.76 -35.85 -55.13
N PHE A 215 -14.21 -35.68 -53.89
CA PHE A 215 -13.54 -34.76 -52.98
C PHE A 215 -12.28 -35.41 -52.42
N PRO A 216 -11.24 -34.60 -52.16
CA PRO A 216 -9.99 -35.19 -51.68
C PRO A 216 -10.12 -35.76 -50.28
N ALA A 217 -9.25 -36.73 -49.98
CA ALA A 217 -9.33 -37.43 -48.70
C ALA A 217 -9.11 -36.48 -47.53
N GLU A 218 -8.11 -35.61 -47.62
CA GLU A 218 -7.77 -34.68 -46.56
C GLU A 218 -8.09 -33.26 -47.01
N THR A 219 -8.85 -32.54 -46.20
CA THR A 219 -9.27 -31.18 -46.52
C THR A 219 -9.11 -30.31 -45.28
N TYR A 220 -8.08 -29.47 -45.25
CA TYR A 220 -7.91 -28.51 -44.17
C TYR A 220 -8.80 -27.31 -44.39
N ALA A 221 -9.39 -26.81 -43.31
CA ALA A 221 -10.30 -25.67 -43.39
C ALA A 221 -10.27 -24.93 -42.06
N LEU A 222 -9.94 -23.65 -42.10
CA LEU A 222 -9.95 -22.83 -40.90
C LEU A 222 -11.37 -22.72 -40.35
N VAL A 223 -11.48 -22.31 -39.10
CA VAL A 223 -12.78 -22.16 -38.45
C VAL A 223 -13.41 -20.86 -38.94
N GLY A 224 -14.54 -20.96 -39.62
CA GLY A 224 -15.22 -19.78 -40.12
C GLY A 224 -15.39 -19.76 -41.63
N GLN A 225 -14.81 -20.75 -42.32
CA GLN A 225 -14.87 -20.79 -43.77
C GLN A 225 -15.95 -21.78 -44.24
N GLN A 226 -16.41 -21.57 -45.47
CA GLN A 226 -17.40 -22.44 -46.09
C GLN A 226 -16.68 -23.52 -46.88
N VAL A 227 -17.12 -24.77 -46.72
CA VAL A 227 -16.49 -25.91 -47.38
C VAL A 227 -17.51 -26.59 -48.29
N THR A 228 -17.09 -26.88 -49.53
CA THR A 228 -17.98 -27.52 -50.50
C THR A 228 -17.28 -28.76 -51.02
N LEU A 229 -17.89 -29.92 -50.81
CA LEU A 229 -17.39 -31.19 -51.32
C LEU A 229 -18.25 -31.64 -52.49
N GLU A 230 -17.61 -31.90 -53.62
CA GLU A 230 -18.30 -32.22 -54.86
C GLU A 230 -18.14 -33.70 -55.20
N CYS A 231 -19.14 -34.26 -55.86
CA CYS A 231 -19.21 -35.69 -56.12
C CYS A 231 -20.06 -35.91 -57.37
N PHE A 232 -19.60 -36.82 -58.24
CA PHE A 232 -20.38 -37.17 -59.42
C PHE A 232 -19.90 -38.50 -59.97
N ALA A 233 -20.82 -39.22 -60.63
CA ALA A 233 -20.53 -40.53 -61.16
C ALA A 233 -21.24 -40.72 -62.49
N PHE A 234 -20.69 -41.62 -63.31
CA PHE A 234 -21.29 -42.01 -64.57
C PHE A 234 -22.29 -43.14 -64.31
N GLY A 235 -23.56 -42.90 -64.64
CA GLY A 235 -24.58 -43.90 -64.42
C GLY A 235 -25.82 -43.71 -65.28
N ASN A 236 -26.30 -44.80 -65.88
CA ASN A 236 -27.50 -44.78 -66.70
C ASN A 236 -28.48 -45.81 -66.16
N PRO A 237 -29.67 -45.41 -65.70
CA PRO A 237 -30.24 -44.05 -65.67
C PRO A 237 -29.55 -43.15 -64.65
N VAL A 238 -30.01 -41.91 -64.51
CA VAL A 238 -29.33 -40.92 -63.67
C VAL A 238 -29.31 -41.40 -62.22
N PRO A 239 -28.15 -41.60 -61.64
CA PRO A 239 -28.08 -42.06 -60.24
C PRO A 239 -28.43 -40.94 -59.27
N ARG A 240 -28.55 -41.32 -58.00
CA ARG A 240 -28.79 -40.37 -56.92
C ARG A 240 -27.63 -40.41 -55.95
N ILE A 241 -27.27 -39.24 -55.41
CA ILE A 241 -26.10 -39.08 -54.56
C ILE A 241 -26.58 -38.81 -53.14
N LYS A 242 -26.08 -39.60 -52.19
CA LYS A 242 -26.39 -39.44 -50.77
C LYS A 242 -25.10 -39.16 -50.01
N TRP A 243 -25.19 -38.21 -49.07
CA TRP A 243 -24.04 -37.79 -48.28
C TRP A 243 -24.29 -38.14 -46.82
N ARG A 244 -23.32 -38.81 -46.19
CA ARG A 244 -23.46 -39.22 -44.80
C ARG A 244 -22.14 -39.03 -44.08
N LYS A 245 -22.20 -39.08 -42.75
CA LYS A 245 -21.02 -38.97 -41.91
C LYS A 245 -20.80 -40.28 -41.16
N VAL A 246 -19.58 -40.79 -41.21
CA VAL A 246 -19.29 -42.11 -40.65
C VAL A 246 -19.45 -42.09 -39.12
N ASP A 247 -18.89 -41.08 -38.47
CA ASP A 247 -18.88 -40.99 -37.01
C ASP A 247 -19.86 -39.96 -36.48
N GLY A 248 -21.03 -39.82 -37.11
CA GLY A 248 -22.01 -38.87 -36.64
C GLY A 248 -23.16 -38.76 -37.61
N SER A 249 -23.93 -37.68 -37.45
CA SER A 249 -25.10 -37.41 -38.28
C SER A 249 -25.05 -35.95 -38.74
N LEU A 250 -25.57 -35.71 -39.94
CA LEU A 250 -25.52 -34.37 -40.51
C LEU A 250 -26.70 -33.53 -40.04
N SER A 251 -26.51 -32.21 -40.06
CA SER A 251 -27.58 -31.30 -39.73
C SER A 251 -28.69 -31.39 -40.79
N PRO A 252 -29.96 -31.26 -40.38
CA PRO A 252 -31.05 -31.38 -41.37
C PRO A 252 -30.96 -30.38 -42.51
N GLN A 253 -30.39 -29.19 -42.27
CA GLN A 253 -30.22 -28.22 -43.34
C GLN A 253 -29.23 -28.68 -44.39
N TRP A 254 -28.40 -29.67 -44.08
CA TRP A 254 -27.42 -30.21 -45.02
C TRP A 254 -27.74 -31.62 -45.48
N THR A 255 -28.78 -32.26 -44.94
CA THR A 255 -29.17 -33.60 -45.34
C THR A 255 -29.92 -33.50 -46.68
N THR A 256 -29.15 -33.29 -47.74
CA THR A 256 -29.68 -33.12 -49.08
C THR A 256 -28.96 -34.05 -50.04
N ALA A 257 -29.63 -34.41 -51.12
CA ALA A 257 -29.13 -35.37 -52.10
C ALA A 257 -28.44 -34.70 -53.28
N GLU A 258 -28.21 -33.39 -53.23
CA GLU A 258 -27.54 -32.70 -54.31
C GLU A 258 -26.09 -33.18 -54.43
N PRO A 259 -25.51 -33.15 -55.64
CA PRO A 259 -24.17 -33.72 -55.82
C PRO A 259 -23.04 -32.84 -55.32
N THR A 260 -23.38 -31.78 -54.57
CA THR A 260 -22.38 -30.90 -53.97
C THR A 260 -22.84 -30.54 -52.57
N LEU A 261 -22.19 -31.12 -51.56
CA LEU A 261 -22.54 -30.84 -50.17
C LEU A 261 -21.81 -29.59 -49.69
N GLN A 262 -22.56 -28.65 -49.12
CA GLN A 262 -22.02 -27.36 -48.73
C GLN A 262 -22.21 -27.13 -47.23
N ILE A 263 -21.19 -26.54 -46.62
CA ILE A 263 -21.22 -26.13 -45.22
C ILE A 263 -20.90 -24.63 -45.19
N PRO A 264 -21.85 -23.76 -44.84
CA PRO A 264 -21.57 -22.32 -44.90
C PRO A 264 -20.54 -21.86 -43.88
N SER A 265 -20.63 -22.35 -42.65
CA SER A 265 -19.67 -22.05 -41.61
C SER A 265 -19.23 -23.35 -40.95
N VAL A 266 -17.95 -23.41 -40.59
CA VAL A 266 -17.34 -24.62 -40.07
C VAL A 266 -16.80 -24.34 -38.67
N SER A 267 -17.16 -25.20 -37.73
CA SER A 267 -16.62 -25.21 -36.38
C SER A 267 -15.99 -26.57 -36.11
N PHE A 268 -15.46 -26.74 -34.90
CA PHE A 268 -14.68 -27.94 -34.59
C PHE A 268 -15.49 -29.22 -34.60
N GLU A 269 -16.83 -29.13 -34.55
CA GLU A 269 -17.65 -30.34 -34.57
C GLU A 269 -17.72 -30.98 -35.94
N ASP A 270 -17.35 -30.27 -37.00
CA ASP A 270 -17.41 -30.82 -38.35
C ASP A 270 -16.21 -31.67 -38.71
N GLU A 271 -15.16 -31.65 -37.89
CA GLU A 271 -13.97 -32.45 -38.16
C GLU A 271 -14.32 -33.93 -38.10
N GLY A 272 -13.92 -34.69 -39.12
CA GLY A 272 -14.26 -36.10 -39.14
C GLY A 272 -14.19 -36.70 -40.52
N THR A 273 -15.03 -37.70 -40.76
CA THR A 273 -15.03 -38.48 -41.98
C THR A 273 -16.41 -38.41 -42.65
N TYR A 274 -16.41 -38.25 -43.96
CA TYR A 274 -17.61 -38.10 -44.77
C TYR A 274 -17.63 -39.14 -45.88
N GLU A 275 -18.84 -39.49 -46.32
CA GLU A 275 -19.06 -40.52 -47.32
C GLU A 275 -20.05 -40.03 -48.37
N CYS A 276 -19.67 -40.13 -49.64
CA CYS A 276 -20.54 -39.83 -50.77
C CYS A 276 -20.85 -41.13 -51.49
N GLU A 277 -22.14 -41.41 -51.69
CA GLU A 277 -22.59 -42.66 -52.30
C GLU A 277 -23.45 -42.37 -53.52
N ALA A 278 -23.10 -42.97 -54.64
CA ALA A 278 -23.91 -42.95 -55.85
C ALA A 278 -24.68 -44.25 -55.95
N GLU A 279 -25.99 -44.14 -56.19
CA GLU A 279 -26.90 -45.27 -56.13
C GLU A 279 -27.79 -45.28 -57.36
N ASN A 280 -28.04 -46.45 -57.93
CA ASN A 280 -29.01 -46.61 -59.01
C ASN A 280 -29.51 -48.05 -59.00
N SER A 281 -30.41 -48.36 -59.94
CA SER A 281 -30.96 -49.70 -60.03
C SER A 281 -29.94 -50.73 -60.47
N LYS A 282 -28.76 -50.32 -60.93
CA LYS A 282 -27.76 -51.23 -61.43
C LYS A 282 -26.50 -51.31 -60.57
N GLY A 283 -26.31 -50.41 -59.62
CA GLY A 283 -25.12 -50.46 -58.80
C GLY A 283 -25.06 -49.32 -57.81
N ARG A 284 -23.91 -49.24 -57.14
CA ARG A 284 -23.65 -48.22 -56.13
C ARG A 284 -22.16 -48.15 -55.87
N ASP A 285 -21.64 -46.93 -55.81
CA ASP A 285 -20.23 -46.67 -55.54
C ASP A 285 -20.08 -45.57 -54.49
N THR A 286 -19.23 -45.82 -53.49
CA THR A 286 -19.09 -44.89 -52.38
C THR A 286 -17.63 -44.52 -52.19
N VAL A 287 -17.41 -43.29 -51.72
CA VAL A 287 -16.07 -42.75 -51.51
C VAL A 287 -16.05 -41.96 -50.20
N GLN A 288 -14.98 -42.13 -49.43
CA GLN A 288 -14.82 -41.49 -48.13
C GLN A 288 -13.73 -40.43 -48.16
N GLY A 289 -13.77 -39.56 -47.16
CA GLY A 289 -12.77 -38.51 -47.03
C GLY A 289 -12.84 -37.92 -45.63
N ARG A 290 -11.94 -36.97 -45.38
CA ARG A 290 -11.83 -36.36 -44.06
C ARG A 290 -11.84 -34.83 -44.14
N ILE A 291 -12.24 -34.23 -43.04
CA ILE A 291 -12.21 -32.77 -42.85
C ILE A 291 -11.52 -32.47 -41.53
N ILE A 292 -10.51 -31.60 -41.58
CA ILE A 292 -9.74 -31.19 -40.41
C ILE A 292 -9.88 -29.68 -40.25
N VAL A 293 -10.09 -29.23 -39.01
CA VAL A 293 -10.35 -27.83 -38.71
C VAL A 293 -9.19 -27.28 -37.89
N GLN A 294 -8.71 -26.10 -38.28
CA GLN A 294 -7.58 -25.45 -37.64
C GLN A 294 -7.92 -23.99 -37.36
N ALA A 295 -7.07 -23.33 -36.56
CA ALA A 295 -7.35 -21.98 -36.13
C ALA A 295 -6.06 -21.20 -35.95
N GLN A 296 -6.17 -19.88 -36.05
CA GLN A 296 -5.06 -18.97 -35.85
C GLN A 296 -4.81 -18.76 -34.35
N PRO A 297 -3.59 -18.36 -33.97
CA PRO A 297 -3.29 -18.15 -32.56
C PRO A 297 -4.06 -16.96 -31.99
N GLU A 298 -4.39 -17.06 -30.70
CA GLU A 298 -5.04 -15.99 -29.97
C GLU A 298 -4.40 -15.88 -28.59
N TRP A 299 -4.34 -14.66 -28.06
CA TRP A 299 -3.69 -14.45 -26.78
C TRP A 299 -4.53 -14.99 -25.64
N LEU A 300 -3.85 -15.34 -24.53
CA LEU A 300 -4.53 -15.77 -23.32
C LEU A 300 -4.01 -14.96 -22.13
N LYS A 301 -2.76 -14.54 -22.20
CA LYS A 301 -2.12 -13.81 -21.11
C LYS A 301 -0.94 -13.05 -21.66
N VAL A 302 -0.96 -11.72 -21.53
CA VAL A 302 0.07 -10.87 -22.10
C VAL A 302 0.79 -10.11 -21.00
N ILE A 303 1.78 -9.30 -21.38
CA ILE A 303 2.55 -8.51 -20.44
C ILE A 303 2.01 -7.09 -20.43
N SER A 304 2.41 -6.32 -19.42
CA SER A 304 1.95 -4.95 -19.24
C SER A 304 3.12 -4.09 -18.77
N ASP A 305 2.87 -2.79 -18.66
CA ASP A 305 3.91 -1.85 -18.27
C ASP A 305 4.35 -2.12 -16.84
N THR A 306 5.63 -1.89 -16.57
CA THR A 306 6.19 -2.19 -15.25
C THR A 306 7.30 -1.21 -14.91
N GLU A 307 7.25 -0.68 -13.70
CA GLU A 307 8.33 0.12 -13.12
C GLU A 307 8.89 -0.64 -11.93
N ALA A 308 10.19 -0.89 -11.94
CA ALA A 308 10.90 -1.57 -10.86
C ALA A 308 12.05 -0.70 -10.39
N ASP A 309 12.78 -1.20 -9.39
CA ASP A 309 13.92 -0.49 -8.83
C ASP A 309 15.20 -1.28 -9.05
N ILE A 310 16.32 -0.56 -9.08
CA ILE A 310 17.61 -1.17 -9.35
C ILE A 310 17.93 -2.18 -8.25
N GLY A 311 18.40 -3.36 -8.66
CA GLY A 311 18.80 -4.40 -7.74
C GLY A 311 17.79 -5.51 -7.53
N SER A 312 16.59 -5.38 -8.08
CA SER A 312 15.54 -6.38 -7.85
C SER A 312 15.51 -7.38 -9.01
N ASN A 313 14.51 -8.25 -9.01
CA ASN A 313 14.34 -9.29 -10.02
C ASN A 313 12.92 -9.23 -10.56
N LEU A 314 12.74 -9.68 -11.80
CA LEU A 314 11.43 -9.60 -12.45
C LEU A 314 11.16 -10.87 -13.23
N ARG A 315 9.86 -11.16 -13.39
CA ARG A 315 9.41 -12.31 -14.17
C ARG A 315 8.25 -11.89 -15.05
N TRP A 316 8.30 -12.29 -16.34
CA TRP A 316 7.30 -11.94 -17.33
C TRP A 316 6.89 -13.20 -18.08
N GLY A 317 5.65 -13.23 -18.56
CA GLY A 317 5.13 -14.42 -19.22
C GLY A 317 4.20 -14.11 -20.36
N CYS A 318 3.95 -15.13 -21.17
CA CYS A 318 3.08 -15.05 -22.34
C CYS A 318 2.36 -16.39 -22.51
N ALA A 319 1.24 -16.36 -23.24
CA ALA A 319 0.49 -17.58 -23.51
C ALA A 319 -0.44 -17.37 -24.70
N ALA A 320 -0.46 -18.34 -25.61
CA ALA A 320 -1.27 -18.27 -26.82
C ALA A 320 -2.07 -19.57 -26.96
N ALA A 321 -2.96 -19.58 -27.95
CA ALA A 321 -3.84 -20.73 -28.17
C ALA A 321 -4.16 -20.82 -29.66
N GLY A 322 -3.73 -21.91 -30.30
CA GLY A 322 -4.07 -22.17 -31.68
C GLY A 322 -3.97 -23.66 -31.94
N LYS A 323 -4.78 -24.13 -32.90
CA LYS A 323 -4.88 -25.58 -33.11
C LYS A 323 -3.54 -26.19 -33.49
N PRO A 324 -2.79 -25.67 -34.48
CA PRO A 324 -1.35 -25.99 -34.54
C PRO A 324 -0.61 -25.10 -33.56
N ARG A 325 -0.02 -25.72 -32.54
CA ARG A 325 0.37 -25.00 -31.34
C ARG A 325 1.38 -23.91 -31.67
N PRO A 326 1.16 -22.68 -31.21
CA PRO A 326 2.05 -21.57 -31.56
C PRO A 326 3.36 -21.62 -30.78
N THR A 327 4.31 -20.85 -31.26
CA THR A 327 5.61 -20.66 -30.62
C THR A 327 5.81 -19.19 -30.28
N VAL A 328 6.44 -18.95 -29.13
CA VAL A 328 6.55 -17.61 -28.55
C VAL A 328 8.02 -17.20 -28.54
N ARG A 329 8.29 -15.96 -28.95
CA ARG A 329 9.63 -15.41 -28.96
C ARG A 329 9.58 -13.96 -28.51
N TRP A 330 10.76 -13.40 -28.21
CA TRP A 330 10.86 -12.11 -27.56
C TRP A 330 11.69 -11.13 -28.39
N LEU A 331 11.25 -9.87 -28.34
CA LEU A 331 11.94 -8.78 -29.04
C LEU A 331 12.23 -7.66 -28.05
N ARG A 332 13.42 -7.08 -28.18
CA ARG A 332 13.80 -5.88 -27.45
C ARG A 332 14.14 -4.80 -28.46
N ASN A 333 13.40 -3.70 -28.43
CA ASN A 333 13.61 -2.57 -29.32
C ASN A 333 13.67 -3.01 -30.79
N GLY A 334 12.78 -3.92 -31.17
CA GLY A 334 12.72 -4.40 -32.53
C GLY A 334 13.78 -5.39 -32.93
N GLU A 335 14.55 -5.91 -31.98
CA GLU A 335 15.59 -6.89 -32.28
C GLU A 335 15.31 -8.20 -31.54
N PRO A 336 15.70 -9.34 -32.09
CA PRO A 336 15.49 -10.61 -31.38
C PRO A 336 16.25 -10.61 -30.06
N LEU A 337 15.62 -11.19 -29.04
CA LEU A 337 16.20 -11.21 -27.70
C LEU A 337 16.66 -12.63 -27.38
N ALA A 338 17.95 -12.78 -27.10
CA ALA A 338 18.55 -14.08 -26.80
C ALA A 338 19.03 -14.09 -25.35
N SER A 339 19.08 -15.28 -24.78
CA SER A 339 19.49 -15.45 -23.38
C SER A 339 20.96 -15.06 -23.23
N GLN A 340 21.22 -13.97 -22.51
CA GLN A 340 22.58 -13.54 -22.24
C GLN A 340 22.61 -12.80 -20.92
N ASN A 341 23.75 -12.91 -20.23
CA ASN A 341 24.00 -12.22 -18.97
C ASN A 341 22.89 -12.42 -17.95
N ARG A 342 22.24 -11.33 -17.55
CA ARG A 342 21.23 -11.33 -16.50
C ARG A 342 19.81 -11.39 -17.04
N VAL A 343 19.64 -11.62 -18.34
CA VAL A 343 18.34 -11.79 -18.96
C VAL A 343 18.23 -13.24 -19.43
N GLU A 344 17.23 -13.95 -18.95
CA GLU A 344 17.06 -15.36 -19.27
C GLU A 344 15.70 -15.58 -19.92
N VAL A 345 15.71 -16.11 -21.14
CA VAL A 345 14.49 -16.39 -21.90
C VAL A 345 14.31 -17.89 -22.00
N LEU A 346 13.07 -18.36 -21.85
CA LEU A 346 12.80 -19.79 -21.94
C LEU A 346 11.37 -20.00 -22.40
N ALA A 347 11.21 -20.28 -23.71
CA ALA A 347 9.97 -20.81 -24.28
C ALA A 347 8.75 -19.98 -23.89
N GLY A 348 8.95 -18.68 -23.71
CA GLY A 348 7.86 -17.78 -23.40
C GLY A 348 7.83 -17.23 -21.99
N ASP A 349 8.87 -17.44 -21.19
CA ASP A 349 8.99 -16.77 -19.90
C ASP A 349 10.33 -16.06 -19.84
N LEU A 350 10.32 -14.86 -19.25
CA LEU A 350 11.46 -13.96 -19.24
C LEU A 350 11.81 -13.61 -17.80
N ARG A 351 13.08 -13.78 -17.44
CA ARG A 351 13.54 -13.58 -16.07
C ARG A 351 14.67 -12.55 -16.05
N PHE A 352 14.53 -11.55 -15.19
CA PHE A 352 15.54 -10.53 -14.95
C PHE A 352 16.11 -10.72 -13.56
N SER A 353 17.43 -10.88 -13.48
CA SER A 353 18.14 -11.04 -12.22
C SER A 353 19.09 -9.85 -12.03
N LYS A 354 19.01 -9.22 -10.86
CA LYS A 354 19.81 -8.04 -10.54
C LYS A 354 19.59 -6.95 -11.60
N LEU A 355 18.35 -6.46 -11.63
CA LEU A 355 17.94 -5.46 -12.60
C LEU A 355 18.81 -4.22 -12.52
N SER A 356 19.26 -3.74 -13.68
CA SER A 356 20.14 -2.60 -13.79
C SER A 356 19.40 -1.42 -14.44
N LEU A 357 20.13 -0.32 -14.60
CA LEU A 357 19.57 0.86 -15.27
C LEU A 357 19.45 0.67 -16.77
N GLU A 358 20.27 -0.21 -17.36
CA GLU A 358 20.28 -0.41 -18.80
C GLU A 358 19.07 -1.17 -19.31
N ASP A 359 18.40 -1.94 -18.45
CA ASP A 359 17.33 -2.83 -18.86
C ASP A 359 16.01 -2.10 -19.12
N SER A 360 16.00 -0.78 -19.17
CA SER A 360 14.77 -0.04 -19.46
C SER A 360 14.54 0.05 -20.95
N GLY A 361 13.29 -0.12 -21.37
CA GLY A 361 12.97 -0.02 -22.77
C GLY A 361 11.67 -0.72 -23.11
N MET A 362 11.42 -0.84 -24.40
CA MET A 362 10.20 -1.42 -24.94
C MET A 362 10.44 -2.88 -25.32
N TYR A 363 9.69 -3.78 -24.71
CA TYR A 363 9.79 -5.21 -24.97
C TYR A 363 8.54 -5.69 -25.69
N GLN A 364 8.68 -6.80 -26.41
CA GLN A 364 7.60 -7.30 -27.24
C GLN A 364 7.59 -8.82 -27.22
N CYS A 365 6.40 -9.38 -27.35
CA CYS A 365 6.15 -10.82 -27.31
C CYS A 365 5.46 -11.20 -28.61
N VAL A 366 5.96 -12.22 -29.29
CA VAL A 366 5.44 -12.62 -30.60
C VAL A 366 5.05 -14.08 -30.54
N ALA A 367 3.81 -14.38 -30.92
CA ALA A 367 3.31 -15.75 -30.98
C ALA A 367 2.93 -16.09 -32.41
N GLU A 368 3.53 -17.15 -32.95
CA GLU A 368 3.44 -17.44 -34.37
C GLU A 368 3.11 -18.91 -34.60
N ASN A 369 2.36 -19.17 -35.68
CA ASN A 369 2.22 -20.52 -36.21
C ASN A 369 2.05 -20.42 -37.72
N LYS A 370 1.66 -21.51 -38.36
CA LYS A 370 1.60 -21.55 -39.82
C LYS A 370 0.53 -20.61 -40.36
N HIS A 371 -0.53 -20.36 -39.60
CA HIS A 371 -1.67 -19.59 -40.08
C HIS A 371 -1.60 -18.11 -39.74
N GLY A 372 -0.64 -17.68 -38.92
CA GLY A 372 -0.52 -16.27 -38.61
C GLY A 372 0.33 -16.03 -37.39
N THR A 373 0.57 -14.74 -37.15
CA THR A 373 1.38 -14.28 -36.02
C THR A 373 0.70 -13.12 -35.32
N ILE A 374 1.01 -12.94 -34.04
CA ILE A 374 0.42 -11.89 -33.21
C ILE A 374 1.49 -11.31 -32.31
N TYR A 375 1.28 -10.04 -31.94
CA TYR A 375 2.26 -9.26 -31.18
C TYR A 375 1.62 -8.72 -29.91
N ALA A 376 2.48 -8.45 -28.93
CA ALA A 376 2.09 -7.77 -27.69
C ALA A 376 3.26 -6.93 -27.23
N SER A 377 2.97 -5.78 -26.63
CA SER A 377 4.00 -4.80 -26.29
C SER A 377 3.93 -4.44 -24.81
N ALA A 378 5.08 -4.04 -24.26
CA ALA A 378 5.15 -3.57 -22.89
C ALA A 378 6.39 -2.71 -22.72
N GLU A 379 6.45 -2.00 -21.59
CA GLU A 379 7.55 -1.10 -21.28
C GLU A 379 8.07 -1.39 -19.88
N LEU A 380 9.40 -1.43 -19.75
CA LEU A 380 10.06 -1.64 -18.47
C LEU A 380 10.87 -0.40 -18.12
N ALA A 381 10.63 0.16 -16.93
CA ALA A 381 11.34 1.34 -16.46
C ALA A 381 11.97 1.04 -15.10
N VAL A 382 13.26 1.38 -14.96
CA VAL A 382 14.02 1.13 -13.76
C VAL A 382 14.31 2.45 -13.07
N GLN A 383 14.02 2.53 -11.78
CA GLN A 383 14.10 3.77 -11.02
C GLN A 383 15.16 3.66 -9.92
N ALA A 384 15.85 4.77 -9.67
CA ALA A 384 16.79 4.89 -8.57
C ALA A 384 16.34 6.04 -7.68
N LEU A 385 16.30 5.81 -6.37
CA LEU A 385 15.74 6.76 -5.42
C LEU A 385 16.70 7.03 -4.28
N ALA A 386 16.83 8.31 -3.92
CA ALA A 386 17.59 8.71 -2.75
C ALA A 386 16.79 8.41 -1.48
N PRO A 387 17.47 8.23 -0.34
CA PRO A 387 16.75 7.92 0.89
C PRO A 387 15.79 9.03 1.29
N ASP A 388 14.64 8.62 1.82
CA ASP A 388 13.60 9.56 2.22
C ASP A 388 12.86 9.00 3.42
N PHE A 389 12.62 9.85 4.42
CA PHE A 389 11.98 9.44 5.67
C PHE A 389 10.57 9.98 5.81
N ARG A 390 10.01 10.59 4.76
CA ARG A 390 8.69 11.21 4.87
C ARG A 390 7.61 10.19 5.19
N LEU A 391 7.64 9.03 4.54
CA LEU A 391 6.60 8.03 4.76
C LEU A 391 6.78 7.33 6.10
N ASN A 392 8.00 6.99 6.47
CA ASN A 392 8.30 6.23 7.69
C ASN A 392 9.36 6.94 8.51
N PRO A 393 9.00 8.01 9.21
CA PRO A 393 9.94 8.63 10.14
C PRO A 393 10.00 7.89 11.47
N VAL A 394 11.15 8.01 12.12
CA VAL A 394 11.32 7.39 13.44
C VAL A 394 10.37 8.05 14.43
N ARG A 395 9.85 7.26 15.36
CA ARG A 395 8.90 7.77 16.34
C ARG A 395 9.50 8.93 17.13
N ARG A 396 8.73 10.01 17.26
CA ARG A 396 9.21 11.18 17.98
C ARG A 396 9.21 10.94 19.48
N LEU A 397 8.17 10.29 19.99
CA LEU A 397 8.04 10.01 21.42
C LEU A 397 8.12 8.50 21.62
N ILE A 398 9.04 8.06 22.45
CA ILE A 398 9.25 6.63 22.70
C ILE A 398 9.20 6.39 24.21
N PRO A 399 8.02 6.33 24.82
CA PRO A 399 7.94 6.03 26.26
C PRO A 399 8.28 4.57 26.51
N ALA A 400 9.25 4.34 27.40
CA ALA A 400 9.71 3.00 27.72
C ALA A 400 9.70 2.80 29.23
N ALA A 401 9.09 1.70 29.68
CA ALA A 401 9.07 1.39 31.10
C ALA A 401 10.45 0.95 31.58
N ARG A 402 10.74 1.27 32.84
CA ARG A 402 12.03 0.93 33.42
C ARG A 402 12.20 -0.59 33.52
N GLY A 403 13.43 -1.04 33.31
CA GLY A 403 13.72 -2.47 33.41
C GLY A 403 13.16 -3.31 32.29
N GLY A 404 12.94 -2.74 31.11
CA GLY A 404 12.37 -3.48 30.01
C GLY A 404 13.20 -3.46 28.74
N GLU A 405 12.59 -3.81 27.63
CA GLU A 405 13.24 -3.84 26.33
C GLU A 405 12.54 -2.90 25.37
N ILE A 406 13.31 -2.29 24.46
CA ILE A 406 12.74 -1.41 23.46
C ILE A 406 13.39 -1.71 22.12
N LEU A 407 12.60 -1.53 21.05
CA LEU A 407 13.05 -1.74 19.68
C LEU A 407 12.60 -0.57 18.81
N ILE A 408 13.53 -0.02 18.05
CA ILE A 408 13.24 1.11 17.18
C ILE A 408 13.68 0.78 15.75
N PRO A 409 12.75 0.56 14.82
CA PRO A 409 13.15 0.32 13.44
C PRO A 409 13.47 1.61 12.70
N CYS A 410 14.25 1.49 11.63
CA CYS A 410 14.64 2.62 10.79
C CYS A 410 14.72 2.11 9.35
N GLN A 411 13.65 2.31 8.57
CA GLN A 411 13.55 1.81 7.21
C GLN A 411 13.13 2.94 6.27
N PRO A 412 14.08 3.66 5.69
CA PRO A 412 13.74 4.70 4.73
C PRO A 412 13.33 4.10 3.39
N ARG A 413 12.73 4.95 2.56
CA ARG A 413 12.35 4.56 1.20
C ARG A 413 13.53 4.86 0.28
N ALA A 414 14.25 3.81 -0.10
CA ALA A 414 15.47 3.97 -0.90
C ALA A 414 15.52 2.87 -1.97
N ALA A 415 16.30 3.15 -3.00
CA ALA A 415 16.52 2.21 -4.11
C ALA A 415 17.91 2.43 -4.69
N PRO A 416 18.88 1.55 -4.41
CA PRO A 416 18.77 0.31 -3.62
C PRO A 416 18.73 0.54 -2.11
N LYS A 417 18.96 -0.51 -1.33
CA LYS A 417 18.90 -0.39 0.13
C LYS A 417 20.01 0.51 0.64
N ALA A 418 19.72 1.19 1.75
CA ALA A 418 20.63 2.16 2.33
C ALA A 418 21.29 1.62 3.58
N VAL A 419 22.56 1.95 3.75
CA VAL A 419 23.31 1.60 4.95
C VAL A 419 22.80 2.46 6.10
N VAL A 420 22.51 1.83 7.24
CA VAL A 420 21.90 2.49 8.39
C VAL A 420 22.88 2.45 9.55
N LEU A 421 23.11 3.62 10.17
CA LEU A 421 24.00 3.77 11.31
C LEU A 421 23.29 4.56 12.39
N TRP A 422 23.32 4.05 13.62
CA TRP A 422 22.65 4.69 14.74
C TRP A 422 23.63 5.49 15.58
N SER A 423 23.09 6.45 16.32
CA SER A 423 23.89 7.28 17.21
C SER A 423 23.02 7.81 18.33
N LYS A 424 23.63 8.06 19.49
CA LYS A 424 22.97 8.73 20.60
C LYS A 424 23.70 10.03 20.86
N GLY A 425 22.98 11.15 20.75
CA GLY A 425 23.62 12.45 20.87
C GLY A 425 24.65 12.64 19.78
N THR A 426 25.92 12.61 20.14
CA THR A 426 27.01 12.65 19.17
C THR A 426 27.83 11.38 19.14
N GLU A 427 27.68 10.49 20.12
CA GLU A 427 28.42 9.24 20.14
C GLU A 427 27.85 8.26 19.12
N ILE A 428 28.70 7.35 18.66
CA ILE A 428 28.33 6.33 17.69
C ILE A 428 28.21 4.99 18.40
N LEU A 429 27.12 4.29 18.15
CA LEU A 429 26.80 3.05 18.86
C LEU A 429 27.37 1.86 18.12
N VAL A 430 28.37 1.21 18.72
CA VAL A 430 28.79 -0.12 18.33
C VAL A 430 28.15 -1.10 19.30
N ASN A 431 27.40 -2.08 18.78
CA ASN A 431 26.48 -2.80 19.64
C ASN A 431 27.24 -3.76 20.54
N SER A 432 26.62 -4.09 21.67
CA SER A 432 27.23 -4.92 22.70
C SER A 432 26.16 -5.91 23.18
N SER A 433 26.38 -6.51 24.35
CA SER A 433 25.36 -7.41 24.88
C SER A 433 24.07 -6.66 25.19
N ARG A 434 24.17 -5.45 25.73
CA ARG A 434 23.00 -4.68 26.17
C ARG A 434 22.32 -3.95 25.02
N VAL A 435 23.08 -3.34 24.12
CA VAL A 435 22.54 -2.64 22.96
C VAL A 435 22.89 -3.45 21.72
N THR A 436 21.89 -3.71 20.87
CA THR A 436 22.09 -4.51 19.67
C THR A 436 21.52 -3.78 18.46
N VAL A 437 22.26 -3.82 17.35
CA VAL A 437 21.86 -3.20 16.09
C VAL A 437 21.77 -4.31 15.06
N THR A 438 20.54 -4.73 14.73
CA THR A 438 20.34 -5.77 13.75
C THR A 438 20.69 -5.27 12.36
N PRO A 439 20.98 -6.19 11.43
CA PRO A 439 21.28 -5.76 10.05
C PRO A 439 20.16 -4.97 9.40
N ASP A 440 18.90 -5.24 9.77
CA ASP A 440 17.78 -4.46 9.24
C ASP A 440 17.76 -3.03 9.72
N GLY A 441 18.57 -2.68 10.72
CA GLY A 441 18.65 -1.34 11.24
C GLY A 441 17.91 -1.10 12.53
N THR A 442 16.97 -1.98 12.87
CA THR A 442 16.24 -1.82 14.13
C THR A 442 17.20 -1.95 15.31
N LEU A 443 17.15 -0.96 16.21
CA LEU A 443 18.03 -0.92 17.37
C LEU A 443 17.25 -1.36 18.60
N ILE A 444 17.79 -2.35 19.32
CA ILE A 444 17.12 -2.93 20.47
C ILE A 444 17.99 -2.71 21.70
N ILE A 445 17.36 -2.22 22.77
CA ILE A 445 18.03 -1.99 24.06
C ILE A 445 17.32 -2.80 25.13
N ARG A 446 18.10 -3.53 25.92
CA ARG A 446 17.61 -4.32 27.04
C ARG A 446 18.13 -3.71 28.33
N ASN A 447 17.53 -4.13 29.45
CA ASN A 447 18.00 -3.74 30.78
C ASN A 447 18.04 -2.22 30.92
N ILE A 448 16.95 -1.60 30.47
CA ILE A 448 16.87 -0.15 30.41
C ILE A 448 16.91 0.43 31.83
N SER A 449 17.38 1.67 31.94
CA SER A 449 17.57 2.32 33.22
C SER A 449 17.27 3.81 33.07
N ARG A 450 17.57 4.58 34.11
CA ARG A 450 17.36 6.02 34.13
C ARG A 450 18.56 6.79 33.59
N SER A 451 19.40 6.16 32.78
CA SER A 451 20.54 6.82 32.16
C SER A 451 20.51 6.78 30.64
N ASP A 452 19.55 6.08 30.03
CA ASP A 452 19.49 5.93 28.58
C ASP A 452 18.62 6.97 27.91
N GLU A 453 17.95 7.84 28.66
CA GLU A 453 17.09 8.84 28.06
C GLU A 453 17.92 9.84 27.26
N GLY A 454 17.33 10.38 26.21
CA GLY A 454 18.02 11.36 25.41
C GLY A 454 17.48 11.37 23.98
N LYS A 455 18.36 11.73 23.06
CA LYS A 455 18.03 11.89 21.65
C LYS A 455 18.81 10.87 20.83
N TYR A 456 18.09 10.08 20.03
CA TYR A 456 18.70 9.07 19.18
C TYR A 456 18.50 9.46 17.73
N THR A 457 19.50 9.17 16.90
CA THR A 457 19.48 9.55 15.49
C THR A 457 19.87 8.36 14.63
N CYS A 458 19.20 8.23 13.49
CA CYS A 458 19.46 7.19 12.51
C CYS A 458 19.87 7.85 11.20
N PHE A 459 21.02 7.44 10.67
CA PHE A 459 21.57 7.96 9.42
C PHE A 459 21.51 6.87 8.36
N ALA A 460 20.87 7.16 7.24
CA ALA A 460 20.75 6.24 6.12
C ALA A 460 21.44 6.84 4.91
N GLU A 461 22.35 6.06 4.29
CA GLU A 461 23.12 6.56 3.18
C GLU A 461 23.25 5.50 2.09
N ASN A 462 23.14 5.92 0.84
CA ASN A 462 23.50 5.06 -0.29
C ASN A 462 24.23 5.93 -1.32
N PHE A 463 24.57 5.33 -2.46
CA PHE A 463 25.30 6.05 -3.50
C PHE A 463 24.45 7.10 -4.19
N MET A 464 23.19 7.25 -3.80
CA MET A 464 22.32 8.29 -4.34
C MET A 464 22.12 9.47 -3.41
N GLY A 465 22.20 9.26 -2.09
CA GLY A 465 22.01 10.37 -1.18
C GLY A 465 22.13 9.92 0.27
N LYS A 466 21.74 10.83 1.16
CA LYS A 466 21.82 10.63 2.60
C LYS A 466 20.63 11.30 3.27
N ALA A 467 20.07 10.61 4.26
CA ALA A 467 18.96 11.13 5.06
C ALA A 467 19.15 10.66 6.48
N ASN A 468 18.30 11.13 7.38
CA ASN A 468 18.52 10.96 8.81
C ASN A 468 17.28 11.40 9.57
N SER A 469 17.08 10.78 10.73
CA SER A 469 15.88 10.97 11.51
C SER A 469 16.20 10.89 13.00
N THR A 470 15.31 11.46 13.82
CA THR A 470 15.58 11.67 15.23
C THR A 470 14.38 11.30 16.08
N GLY A 471 14.66 10.66 17.23
CA GLY A 471 13.63 10.36 18.21
C GLY A 471 14.11 10.68 19.60
N ILE A 472 13.16 10.74 20.53
CA ILE A 472 13.41 11.11 21.92
C ILE A 472 12.94 9.97 22.82
N LEU A 473 13.80 9.56 23.74
CA LEU A 473 13.52 8.44 24.64
C LEU A 473 13.37 8.94 26.07
N SER A 474 12.33 8.47 26.75
CA SER A 474 12.07 8.83 28.14
C SER A 474 11.71 7.57 28.92
N VAL A 475 12.04 7.59 30.22
CA VAL A 475 11.88 6.42 31.08
C VAL A 475 10.88 6.73 32.18
N ARG A 476 10.05 5.75 32.51
CA ARG A 476 9.06 5.86 33.58
C ARG A 476 9.05 4.56 34.36
N ASP A 477 8.34 4.58 35.48
CA ASP A 477 8.17 3.37 36.27
C ASP A 477 7.17 2.42 35.59
N ALA A 478 7.27 1.15 35.92
CA ALA A 478 6.43 0.11 35.33
C ALA A 478 5.30 -0.28 36.27
N THR A 479 4.20 -0.74 35.69
CA THR A 479 3.03 -1.16 36.44
C THR A 479 3.29 -2.50 37.12
N LYS A 480 2.55 -2.77 38.18
CA LYS A 480 2.71 -3.99 38.95
C LYS A 480 1.35 -4.46 39.45
N ILE A 481 1.23 -5.76 39.67
CA ILE A 481 0.09 -6.36 40.34
C ILE A 481 0.61 -6.96 41.63
N THR A 482 0.20 -6.39 42.77
CA THR A 482 0.70 -6.83 44.07
C THR A 482 -0.29 -7.73 44.81
N LEU A 483 -1.39 -8.13 44.18
CA LEU A 483 -2.36 -9.02 44.81
C LEU A 483 -3.22 -9.66 43.74
N ALA A 484 -3.32 -10.98 43.78
CA ALA A 484 -4.13 -11.73 42.82
C ALA A 484 -5.36 -12.30 43.51
N PRO A 485 -6.46 -12.48 42.78
CA PRO A 485 -7.67 -13.04 43.38
C PRO A 485 -7.56 -14.54 43.65
N SER A 486 -8.64 -15.14 44.12
CA SER A 486 -8.63 -16.56 44.48
C SER A 486 -9.84 -17.26 43.86
N SER A 487 -9.66 -18.54 43.58
CA SER A 487 -10.71 -19.37 43.01
C SER A 487 -11.82 -19.60 44.03
N ALA A 488 -13.01 -19.92 43.52
CA ALA A 488 -14.15 -20.13 44.42
C ALA A 488 -15.19 -21.00 43.75
N ASP A 489 -16.10 -21.53 44.58
CA ASP A 489 -17.26 -22.28 44.11
C ASP A 489 -18.48 -21.81 44.89
N ILE A 490 -19.57 -21.53 44.18
CA ILE A 490 -20.79 -20.98 44.76
C ILE A 490 -22.01 -21.57 44.06
N ASN A 491 -23.18 -21.21 44.55
CA ASN A 491 -24.46 -21.62 43.99
C ASN A 491 -25.05 -20.48 43.16
N LEU A 492 -25.92 -20.83 42.22
CA LEU A 492 -26.63 -19.85 41.41
C LEU A 492 -27.43 -18.92 42.31
N GLY A 493 -27.06 -17.64 42.34
CA GLY A 493 -27.71 -16.66 43.18
C GLY A 493 -26.92 -16.23 44.39
N ASP A 494 -25.69 -16.68 44.54
CA ASP A 494 -24.84 -16.28 45.67
C ASP A 494 -23.99 -15.06 45.29
N ASN A 495 -23.33 -14.49 46.30
CA ASN A 495 -22.52 -13.30 46.15
C ASN A 495 -21.08 -13.63 46.51
N LEU A 496 -20.15 -13.15 45.69
CA LEU A 496 -18.73 -13.46 45.87
C LEU A 496 -17.91 -12.19 45.71
N THR A 497 -16.74 -12.15 46.33
CA THR A 497 -15.87 -10.97 46.26
C THR A 497 -14.47 -11.38 45.85
N LEU A 498 -13.89 -10.63 44.91
CA LEU A 498 -12.52 -10.84 44.46
C LEU A 498 -11.75 -9.52 44.54
N GLN A 499 -10.47 -9.62 44.87
CA GLN A 499 -9.61 -8.48 45.12
C GLN A 499 -8.48 -8.42 44.10
N CYS A 500 -7.98 -7.20 43.88
CA CYS A 500 -6.88 -6.98 42.93
C CYS A 500 -6.25 -5.63 43.23
N HIS A 501 -4.95 -5.62 43.51
CA HIS A 501 -4.22 -4.41 43.88
C HIS A 501 -3.04 -4.20 42.94
N ALA A 502 -2.72 -2.93 42.70
CA ALA A 502 -1.71 -2.58 41.71
C ALA A 502 -0.92 -1.36 42.18
N SER A 503 0.25 -1.18 41.57
CA SER A 503 1.08 -0.01 41.79
C SER A 503 1.60 0.49 40.45
N HIS A 504 1.89 1.78 40.37
CA HIS A 504 2.20 2.42 39.10
C HIS A 504 3.01 3.69 39.35
N ASP A 505 3.38 4.36 38.25
CA ASP A 505 4.07 5.63 38.34
C ASP A 505 3.15 6.69 38.93
N PRO A 506 3.67 7.60 39.77
CA PRO A 506 2.80 8.62 40.37
C PRO A 506 2.18 9.58 39.38
N THR A 507 2.74 9.73 38.18
CA THR A 507 2.30 10.76 37.25
C THR A 507 1.33 10.26 36.19
N MET A 508 0.88 9.01 36.26
CA MET A 508 -0.03 8.46 35.26
C MET A 508 -1.29 7.91 35.91
N ASP A 509 -2.28 7.64 35.08
CA ASP A 509 -3.56 7.12 35.53
C ASP A 509 -3.59 5.60 35.39
N LEU A 510 -4.22 4.93 36.35
CA LEU A 510 -4.31 3.48 36.39
C LEU A 510 -5.77 3.07 36.41
N THR A 511 -6.13 2.10 35.57
CA THR A 511 -7.50 1.61 35.47
C THR A 511 -7.52 0.10 35.62
N PHE A 512 -8.58 -0.40 36.25
CA PHE A 512 -8.80 -1.83 36.47
C PHE A 512 -9.90 -2.33 35.55
N THR A 513 -9.61 -3.41 34.82
CA THR A 513 -10.58 -4.04 33.93
C THR A 513 -10.62 -5.53 34.22
N TRP A 514 -11.83 -6.08 34.38
CA TRP A 514 -12.00 -7.49 34.64
C TRP A 514 -12.66 -8.17 33.44
N THR A 515 -12.13 -9.34 33.09
CA THR A 515 -12.66 -10.14 32.00
C THR A 515 -13.08 -11.50 32.53
N LEU A 516 -14.14 -12.05 31.93
CA LEU A 516 -14.65 -13.38 32.27
C LEU A 516 -14.42 -14.29 31.08
N ASP A 517 -13.46 -15.21 31.21
CA ASP A 517 -13.06 -16.09 30.12
C ASP A 517 -12.66 -15.29 28.89
N ASP A 518 -11.79 -14.30 29.11
CA ASP A 518 -11.29 -13.36 28.11
C ASP A 518 -12.39 -12.50 27.50
N PHE A 519 -13.55 -12.40 28.17
CA PHE A 519 -14.64 -11.55 27.71
C PHE A 519 -14.80 -10.41 28.70
N PRO A 520 -14.71 -9.16 28.26
CA PRO A 520 -14.73 -8.04 29.21
C PRO A 520 -16.05 -7.98 29.97
N ILE A 521 -15.95 -7.82 31.28
CA ILE A 521 -17.12 -7.79 32.16
C ILE A 521 -17.69 -6.39 32.18
N ASP A 522 -18.99 -6.27 31.92
CA ASP A 522 -19.67 -4.99 31.96
C ASP A 522 -20.13 -4.70 33.38
N PHE A 523 -19.95 -3.44 33.81
CA PHE A 523 -20.41 -3.00 35.12
C PHE A 523 -21.53 -1.97 35.04
N ASP A 524 -21.65 -1.27 33.92
CA ASP A 524 -22.69 -0.27 33.72
C ASP A 524 -23.98 -0.88 33.18
N LYS A 525 -24.03 -2.19 32.97
CA LYS A 525 -25.23 -2.83 32.48
C LYS A 525 -26.32 -2.75 33.54
N PRO A 526 -27.50 -2.22 33.22
CA PRO A 526 -28.59 -2.18 34.20
C PRO A 526 -28.98 -3.59 34.61
N GLY A 527 -29.29 -3.74 35.91
CA GLY A 527 -29.54 -5.07 36.44
C GLY A 527 -28.33 -5.98 36.40
N GLY A 528 -27.13 -5.41 36.29
CA GLY A 528 -25.94 -6.23 36.18
C GLY A 528 -25.62 -6.96 37.47
N HIS A 529 -24.92 -8.08 37.32
CA HIS A 529 -24.57 -8.93 38.44
C HIS A 529 -23.17 -8.65 38.97
N TYR A 530 -22.48 -7.66 38.43
CA TYR A 530 -21.11 -7.33 38.80
C TYR A 530 -21.05 -5.89 39.30
N ARG A 531 -20.48 -5.70 40.48
CA ARG A 531 -20.41 -4.39 41.11
C ARG A 531 -18.99 -4.09 41.56
N ARG A 532 -18.48 -2.92 41.21
CA ARG A 532 -17.17 -2.51 41.71
C ARG A 532 -17.26 -2.17 43.19
N THR A 533 -16.21 -2.56 43.93
CA THR A 533 -16.18 -2.41 45.37
C THR A 533 -14.77 -2.07 45.81
N ASN A 534 -14.68 -1.33 46.92
CA ASN A 534 -13.41 -0.86 47.47
C ASN A 534 -12.63 -0.04 46.43
N VAL A 535 -13.35 0.82 45.71
CA VAL A 535 -12.78 1.56 44.60
C VAL A 535 -11.84 2.63 45.16
N LYS A 536 -10.54 2.40 45.03
CA LYS A 536 -9.49 3.36 45.34
C LYS A 536 -8.60 3.53 44.12
N GLU A 537 -7.52 4.31 44.30
CA GLU A 537 -6.57 4.48 43.21
C GLU A 537 -5.84 3.17 42.89
N THR A 538 -5.70 2.29 43.89
CA THR A 538 -4.99 1.04 43.70
C THR A 538 -5.81 -0.19 44.03
N ILE A 539 -7.05 -0.03 44.47
CA ILE A 539 -7.91 -1.14 44.87
C ILE A 539 -9.16 -1.12 43.99
N GLY A 540 -9.42 -2.23 43.31
CA GLY A 540 -10.50 -2.32 42.35
C GLY A 540 -11.37 -3.55 42.46
N ASP A 541 -11.72 -3.95 43.68
CA ASP A 541 -12.36 -5.25 43.90
C ASP A 541 -13.67 -5.35 43.14
N LEU A 542 -14.11 -6.59 42.90
CA LEU A 542 -15.36 -6.85 42.21
C LEU A 542 -16.21 -7.83 43.00
N THR A 543 -17.50 -7.55 43.09
CA THR A 543 -18.46 -8.41 43.77
C THR A 543 -19.48 -8.92 42.78
N ILE A 544 -19.64 -10.24 42.74
CA ILE A 544 -20.69 -10.89 41.96
C ILE A 544 -21.94 -11.00 42.82
N LEU A 545 -23.04 -10.46 42.34
CA LEU A 545 -24.32 -10.48 43.04
C LEU A 545 -25.32 -11.28 42.22
N ASN A 546 -26.03 -12.20 42.88
CA ASN A 546 -27.01 -13.08 42.24
C ASN A 546 -26.35 -13.85 41.08
N ALA A 547 -25.40 -14.70 41.46
CA ALA A 547 -24.59 -15.41 40.49
C ALA A 547 -25.44 -16.33 39.63
N GLN A 548 -25.04 -16.47 38.37
CA GLN A 548 -25.71 -17.32 37.39
C GLN A 548 -24.73 -18.37 36.88
N LEU A 549 -25.26 -19.33 36.12
CA LEU A 549 -24.42 -20.39 35.57
C LEU A 549 -23.38 -19.82 34.62
N ARG A 550 -23.75 -18.84 33.80
CA ARG A 550 -22.83 -18.28 32.83
C ARG A 550 -21.66 -17.55 33.47
N HIS A 551 -21.76 -17.21 34.76
CA HIS A 551 -20.69 -16.49 35.43
C HIS A 551 -19.52 -17.38 35.81
N GLY A 552 -19.67 -18.69 35.72
CA GLY A 552 -18.54 -19.58 35.95
C GLY A 552 -17.53 -19.48 34.83
N GLY A 553 -16.26 -19.57 35.19
CA GLY A 553 -15.18 -19.50 34.23
C GLY A 553 -13.94 -18.89 34.85
N LYS A 554 -13.04 -18.45 33.98
CA LYS A 554 -11.76 -17.88 34.40
C LYS A 554 -11.86 -16.36 34.39
N TYR A 555 -11.80 -15.77 35.58
CA TYR A 555 -11.75 -14.33 35.74
C TYR A 555 -10.32 -13.83 35.61
N THR A 556 -10.16 -12.63 35.07
CA THR A 556 -8.85 -12.03 34.87
C THR A 556 -8.92 -10.55 35.21
N CYS A 557 -8.14 -10.13 36.20
CA CYS A 557 -7.99 -8.72 36.52
C CYS A 557 -6.81 -8.15 35.75
N MET A 558 -6.96 -6.92 35.27
CA MET A 558 -5.90 -6.26 34.52
C MET A 558 -5.80 -4.81 34.96
N ALA A 559 -4.59 -4.41 35.35
CA ALA A 559 -4.28 -3.03 35.65
C ALA A 559 -3.56 -2.42 34.47
N GLN A 560 -4.11 -1.35 33.91
CA GLN A 560 -3.58 -0.76 32.68
C GLN A 560 -3.44 0.74 32.84
N THR A 561 -2.31 1.26 32.38
CA THR A 561 -2.08 2.68 32.21
C THR A 561 -2.21 3.04 30.74
N VAL A 562 -1.85 4.27 30.38
CA VAL A 562 -1.84 4.67 28.98
C VAL A 562 -0.69 4.04 28.20
N VAL A 563 0.23 3.36 28.88
CA VAL A 563 1.43 2.86 28.22
C VAL A 563 1.51 1.34 28.30
N ASP A 564 1.35 0.78 29.50
CA ASP A 564 1.57 -0.65 29.71
C ASP A 564 0.43 -1.22 30.54
N SER A 565 0.52 -2.52 30.81
CA SER A 565 -0.53 -3.22 31.54
C SER A 565 0.05 -4.48 32.18
N ALA A 566 -0.72 -5.04 33.10
CA ALA A 566 -0.40 -6.31 33.74
C ALA A 566 -1.70 -6.99 34.15
N SER A 567 -1.63 -8.29 34.39
CA SER A 567 -2.86 -9.05 34.63
C SER A 567 -2.59 -10.24 35.54
N LYS A 568 -3.66 -10.72 36.16
CA LYS A 568 -3.67 -11.91 37.01
C LYS A 568 -4.97 -12.66 36.80
N GLU A 569 -4.95 -13.97 37.10
CA GLU A 569 -6.04 -14.86 36.78
C GLU A 569 -6.53 -15.61 38.02
N ALA A 570 -7.80 -16.01 37.95
CA ALA A 570 -8.44 -16.87 38.95
C ALA A 570 -9.62 -17.53 38.29
N THR A 571 -10.32 -18.40 39.03
CA THR A 571 -11.48 -19.09 38.47
C THR A 571 -12.60 -19.20 39.50
N VAL A 572 -13.83 -19.22 38.98
CA VAL A 572 -15.04 -19.33 39.78
C VAL A 572 -15.96 -20.37 39.15
N LEU A 573 -16.51 -21.24 39.99
CA LEU A 573 -17.49 -22.23 39.56
C LEU A 573 -18.84 -21.89 40.18
N VAL A 574 -19.90 -21.96 39.39
CA VAL A 574 -21.25 -21.67 39.85
C VAL A 574 -22.13 -22.88 39.54
N ARG A 575 -22.85 -23.35 40.55
CA ARG A 575 -23.73 -24.51 40.40
C ARG A 575 -25.16 -24.07 40.08
N GLN B 2 5.94 23.15 -2.00
CA GLN B 2 4.79 23.26 -2.89
C GLN B 2 3.53 23.64 -2.11
N THR B 3 3.55 24.85 -1.54
CA THR B 3 2.50 25.42 -0.71
C THR B 3 1.86 24.38 0.21
N THR B 4 2.68 23.52 0.78
CA THR B 4 2.26 22.51 1.74
C THR B 4 3.03 22.69 3.05
N PHE B 5 3.14 23.94 3.49
CA PHE B 5 3.94 24.31 4.66
C PHE B 5 3.08 25.13 5.62
N GLY B 6 2.62 24.51 6.69
CA GLY B 6 2.11 25.25 7.82
C GLY B 6 3.26 25.93 8.51
N PRO B 7 3.00 27.08 9.14
CA PRO B 7 4.11 27.84 9.73
C PRO B 7 4.73 27.13 10.92
N VAL B 8 5.54 26.10 10.65
CA VAL B 8 6.17 25.34 11.72
C VAL B 8 7.10 26.26 12.52
N PHE B 9 7.22 25.99 13.81
CA PHE B 9 8.03 26.81 14.70
C PHE B 9 9.42 26.20 14.87
N GLU B 10 10.43 27.06 15.02
CA GLU B 10 11.78 26.60 15.31
C GLU B 10 12.48 27.37 16.42
N ASP B 11 11.95 28.51 16.85
CA ASP B 11 12.57 29.27 17.93
C ASP B 11 11.49 30.09 18.61
N GLN B 12 11.09 29.66 19.80
CA GLN B 12 10.07 30.34 20.57
C GLN B 12 10.69 31.15 21.70
N PRO B 13 10.06 32.25 22.11
CA PRO B 13 10.71 33.18 23.05
C PRO B 13 10.95 32.54 24.40
N LEU B 14 11.79 33.21 25.20
CA LEU B 14 12.24 32.71 26.49
C LEU B 14 12.11 33.80 27.54
N SER B 15 11.79 33.38 28.76
CA SER B 15 11.61 34.31 29.87
C SER B 15 12.94 34.97 30.24
N VAL B 16 12.87 36.26 30.61
CA VAL B 16 14.07 37.03 30.93
C VAL B 16 13.87 37.75 32.26
N LEU B 17 14.99 37.98 32.93
CA LEU B 17 15.06 38.77 34.16
C LEU B 17 16.03 39.91 33.91
N PHE B 18 15.49 41.09 33.63
CA PHE B 18 16.28 42.29 33.36
C PHE B 18 16.63 42.96 34.67
N PRO B 19 17.91 43.05 35.03
CA PRO B 19 18.28 43.73 36.27
C PRO B 19 18.07 45.24 36.15
N GLU B 20 17.50 45.83 37.20
CA GLU B 20 17.36 47.28 37.25
C GLU B 20 18.71 47.91 37.58
N GLU B 21 18.75 49.25 37.53
CA GLU B 21 19.98 50.04 37.63
C GLU B 21 21.15 49.37 36.92
N SER B 22 20.87 48.90 35.70
CA SER B 22 21.85 48.21 34.87
C SER B 22 22.51 49.22 33.93
N THR B 23 23.28 48.72 32.96
CA THR B 23 23.92 49.56 31.96
C THR B 23 23.49 49.20 30.54
N GLU B 24 22.44 48.40 30.40
CA GLU B 24 21.94 47.97 29.10
C GLU B 24 20.79 48.86 28.65
N GLU B 25 20.41 48.70 27.39
CA GLU B 25 19.43 49.60 26.78
C GLU B 25 18.37 48.90 25.94
N GLN B 26 18.44 47.59 25.76
CA GLN B 26 17.47 46.88 24.93
C GLN B 26 17.36 45.44 25.38
N VAL B 27 16.24 44.81 25.01
CA VAL B 27 16.00 43.39 25.24
C VAL B 27 15.41 42.79 23.98
N LEU B 28 15.63 41.49 23.81
CA LEU B 28 15.23 40.78 22.60
C LEU B 28 14.42 39.55 22.96
N LEU B 29 13.31 39.35 22.25
CA LEU B 29 12.50 38.14 22.37
C LEU B 29 12.35 37.53 20.99
N ALA B 30 12.80 36.29 20.83
CA ALA B 30 12.99 35.70 19.52
C ALA B 30 11.82 34.81 19.12
N CYS B 31 11.39 34.95 17.86
CA CYS B 31 10.33 34.13 17.30
C CYS B 31 10.70 33.78 15.86
N ARG B 32 10.76 32.50 15.55
CA ARG B 32 11.19 32.06 14.23
C ARG B 32 10.30 30.93 13.70
N ALA B 33 9.78 31.13 12.49
CA ALA B 33 8.90 30.17 11.85
C ALA B 33 9.41 29.83 10.45
N ARG B 34 9.36 28.54 10.13
CA ARG B 34 9.62 28.01 8.80
C ARG B 34 8.27 27.83 8.11
N ALA B 35 8.11 28.45 6.95
CA ALA B 35 6.87 28.36 6.21
C ALA B 35 7.14 28.59 4.72
N SER B 36 6.20 28.17 3.90
CA SER B 36 6.29 28.33 2.45
C SER B 36 4.88 28.52 1.91
N PRO B 37 4.47 29.75 1.58
CA PRO B 37 5.25 31.01 1.60
C PRO B 37 5.62 31.46 3.01
N PRO B 38 6.58 32.38 3.15
CA PRO B 38 7.00 32.81 4.49
C PRO B 38 5.86 33.44 5.27
N ALA B 39 5.90 33.25 6.58
CA ALA B 39 4.82 33.66 7.48
C ALA B 39 5.04 35.09 7.98
N THR B 40 3.97 35.64 8.55
CA THR B 40 4.01 36.97 9.15
C THR B 40 3.72 36.87 10.64
N TYR B 41 4.29 37.78 11.42
CA TYR B 41 4.33 37.66 12.86
C TYR B 41 3.54 38.78 13.53
N ARG B 42 2.83 38.43 14.60
CA ARG B 42 2.19 39.39 15.48
C ARG B 42 2.56 39.07 16.92
N TRP B 43 2.52 40.08 17.78
CA TRP B 43 2.97 39.94 19.15
C TRP B 43 1.87 40.37 20.11
N LYS B 44 1.60 39.55 21.12
CA LYS B 44 0.58 39.78 22.12
C LYS B 44 1.24 40.06 23.46
N MET B 45 0.75 41.09 24.15
CA MET B 45 1.32 41.55 25.42
C MET B 45 0.19 41.64 26.44
N ASN B 46 0.19 40.72 27.41
CA ASN B 46 -0.93 40.43 28.32
C ASN B 46 -2.20 39.97 27.61
N GLY B 47 -2.16 39.75 26.30
CA GLY B 47 -3.34 39.23 25.62
C GLY B 47 -3.83 40.12 24.50
N THR B 48 -3.79 41.43 24.71
CA THR B 48 -4.22 42.36 23.68
C THR B 48 -3.17 42.43 22.58
N GLU B 49 -3.61 42.38 21.33
CA GLU B 49 -2.69 42.47 20.21
C GLU B 49 -2.07 43.86 20.15
N MET B 50 -0.74 43.91 20.21
CA MET B 50 -0.03 45.18 20.18
C MET B 50 -0.22 45.86 18.83
N LYS B 51 -0.17 47.18 18.84
CA LYS B 51 -0.17 47.99 17.62
C LYS B 51 1.27 48.44 17.37
N LEU B 52 2.04 47.60 16.68
CA LEU B 52 3.44 47.92 16.43
C LEU B 52 3.54 49.05 15.41
N GLU B 53 3.60 50.27 15.92
CA GLU B 53 3.77 51.50 15.15
C GLU B 53 5.19 51.56 14.61
N PRO B 54 5.58 52.62 13.88
CA PRO B 54 7.00 52.77 13.53
C PRO B 54 7.87 52.92 14.76
N GLY B 55 9.16 53.15 14.58
CA GLY B 55 10.14 52.83 15.61
C GLY B 55 10.03 53.65 16.88
N SER B 56 8.86 53.57 17.52
CA SER B 56 8.64 54.10 18.86
C SER B 56 8.73 52.94 19.84
N ARG B 57 9.81 52.91 20.62
CA ARG B 57 10.07 51.87 21.60
C ARG B 57 10.03 50.47 20.99
N HIS B 58 8.87 49.84 20.99
CA HIS B 58 8.76 48.46 20.51
C HIS B 58 8.96 48.40 19.01
N GLN B 59 9.80 47.47 18.57
CA GLN B 59 10.12 47.33 17.15
C GLN B 59 10.23 45.85 16.79
N LEU B 60 10.04 45.57 15.51
CA LEU B 60 10.10 44.22 14.96
C LEU B 60 11.33 44.09 14.07
N VAL B 61 12.11 43.03 14.30
CA VAL B 61 13.29 42.73 13.49
C VAL B 61 13.18 41.27 13.07
N GLY B 62 12.63 41.04 11.89
CA GLY B 62 12.58 39.70 11.34
C GLY B 62 11.81 38.69 12.18
N GLY B 63 10.79 39.15 12.90
CA GLY B 63 10.03 38.31 13.80
C GLY B 63 10.45 38.43 15.24
N ASN B 64 11.61 39.00 15.52
CA ASN B 64 12.03 39.23 16.89
C ASN B 64 11.51 40.57 17.40
N LEU B 65 11.15 40.61 18.67
CA LEU B 65 10.68 41.82 19.31
C LEU B 65 11.82 42.48 20.06
N VAL B 66 11.97 43.78 19.88
CA VAL B 66 12.99 44.57 20.59
C VAL B 66 12.26 45.74 21.26
N ILE B 67 12.26 45.75 22.60
CA ILE B 67 11.79 46.91 23.32
C ILE B 67 12.96 47.85 23.59
N MET B 68 12.67 49.15 23.64
CA MET B 68 13.69 50.17 23.79
C MET B 68 13.54 50.87 25.13
N ASN B 69 14.67 51.05 25.82
CA ASN B 69 14.70 51.62 27.16
C ASN B 69 13.75 50.89 28.11
N PRO B 70 13.97 49.60 28.36
CA PRO B 70 13.03 48.85 29.20
C PRO B 70 12.96 49.41 30.61
N THR B 71 11.75 49.45 31.15
CA THR B 71 11.50 49.91 32.51
C THR B 71 10.33 49.13 33.07
N LYS B 72 10.38 48.86 34.38
CA LYS B 72 9.32 48.07 35.01
C LYS B 72 7.95 48.74 34.89
N ALA B 73 7.93 50.06 34.66
CA ALA B 73 6.66 50.79 34.67
C ALA B 73 5.72 50.31 33.56
N GLN B 74 6.25 50.12 32.35
CA GLN B 74 5.36 49.86 31.22
C GLN B 74 5.91 48.80 30.26
N ASP B 75 6.76 47.89 30.75
CA ASP B 75 7.28 46.82 29.90
C ASP B 75 7.25 45.43 30.51
N ALA B 76 6.84 45.29 31.77
CA ALA B 76 6.90 43.99 32.45
C ALA B 76 5.59 43.24 32.23
N GLY B 77 5.66 42.12 31.55
CA GLY B 77 4.49 41.31 31.30
C GLY B 77 4.78 39.95 30.71
N VAL B 78 3.80 39.41 30.00
CA VAL B 78 3.89 38.10 29.36
C VAL B 78 3.64 38.29 27.87
N TYR B 79 4.54 37.77 27.04
CA TYR B 79 4.54 38.03 25.61
C TYR B 79 4.36 36.72 24.85
N GLN B 80 3.58 36.79 23.77
CA GLN B 80 3.31 35.65 22.90
C GLN B 80 3.51 36.07 21.45
N CYS B 81 3.83 35.09 20.61
CA CYS B 81 4.09 35.33 19.20
C CYS B 81 3.18 34.45 18.35
N LEU B 82 2.54 35.06 17.35
CA LEU B 82 1.64 34.37 16.44
C LEU B 82 2.26 34.42 15.04
N ALA B 83 2.46 33.25 14.44
CA ALA B 83 2.99 33.15 13.09
C ALA B 83 1.88 32.68 12.17
N SER B 84 1.55 33.49 11.17
CA SER B 84 0.39 33.27 10.31
C SER B 84 0.81 33.10 8.87
N ASN B 85 0.07 32.25 8.16
CA ASN B 85 0.31 31.89 6.78
C ASN B 85 -1.04 31.80 6.08
N PRO B 86 -1.06 31.80 4.74
CA PRO B 86 -2.32 31.50 4.05
C PRO B 86 -2.90 30.15 4.42
N VAL B 87 -2.04 29.17 4.72
CA VAL B 87 -2.54 27.85 5.15
C VAL B 87 -3.19 27.95 6.52
N GLY B 88 -2.53 28.62 7.46
CA GLY B 88 -3.06 28.72 8.81
C GLY B 88 -2.10 29.47 9.70
N THR B 89 -2.47 29.57 10.97
CA THR B 89 -1.68 30.28 11.96
C THR B 89 -1.35 29.35 13.13
N VAL B 90 -0.25 29.66 13.80
CA VAL B 90 0.17 28.96 15.00
C VAL B 90 0.56 29.97 16.06
N VAL B 91 0.50 29.53 17.31
CA VAL B 91 0.75 30.37 18.47
C VAL B 91 1.85 29.73 19.30
N SER B 92 2.85 30.52 19.69
CA SER B 92 4.01 30.02 20.41
C SER B 92 3.76 30.05 21.92
N ARG B 93 4.74 29.53 22.67
CA ARG B 93 4.68 29.53 24.12
C ARG B 93 4.93 30.92 24.67
N GLU B 94 4.60 31.10 25.95
CA GLU B 94 4.70 32.40 26.60
C GLU B 94 6.16 32.77 26.83
N ALA B 95 6.36 34.05 27.18
CA ALA B 95 7.69 34.50 27.60
C ALA B 95 7.48 35.65 28.58
N ILE B 96 7.90 35.46 29.82
CA ILE B 96 7.67 36.44 30.88
C ILE B 96 8.92 37.32 31.02
N LEU B 97 8.71 38.63 31.08
CA LEU B 97 9.78 39.57 31.31
C LEU B 97 9.61 40.13 32.73
N ARG B 98 10.62 39.92 33.57
CA ARG B 98 10.54 40.36 34.95
C ARG B 98 11.81 41.14 35.30
N PHE B 99 11.65 42.15 36.15
CA PHE B 99 12.76 43.02 36.53
C PHE B 99 13.36 42.57 37.85
N GLY B 100 14.60 43.00 38.08
CA GLY B 100 15.31 42.68 39.30
C GLY B 100 15.94 43.91 39.91
N PHE B 101 15.78 44.04 41.23
CA PHE B 101 16.20 45.24 41.93
C PHE B 101 16.39 44.93 43.41
N LEU B 102 16.90 45.92 44.14
CA LEU B 102 17.04 45.84 45.59
C LEU B 102 17.08 47.26 46.13
N GLN B 103 16.08 47.63 46.92
CA GLN B 103 15.91 49.01 47.35
C GLN B 103 16.86 49.33 48.50
N GLU B 104 16.66 50.50 49.11
CA GLU B 104 17.47 50.96 50.22
C GLU B 104 16.71 50.79 51.53
N PHE B 105 17.45 50.47 52.59
CA PHE B 105 16.85 50.15 53.87
C PHE B 105 16.19 51.39 54.48
N SER B 106 15.15 51.15 55.28
CA SER B 106 14.42 52.24 55.93
C SER B 106 15.34 52.99 56.88
N LYS B 107 15.20 54.31 56.90
CA LYS B 107 16.15 55.18 57.59
C LYS B 107 15.81 55.43 59.05
N GLU B 108 14.66 54.97 59.54
CA GLU B 108 14.33 55.19 60.94
C GLU B 108 15.19 54.32 61.85
N GLU B 109 15.39 54.79 63.07
CA GLU B 109 16.26 54.11 64.02
C GLU B 109 15.61 52.86 64.57
N ARG B 110 16.42 51.81 64.74
CA ARG B 110 15.93 50.58 65.33
C ARG B 110 15.75 50.72 66.83
N ASP B 111 14.66 50.17 67.35
CA ASP B 111 14.38 50.26 68.78
C ASP B 111 15.43 49.48 69.58
N PRO B 112 15.75 49.95 70.79
CA PRO B 112 16.72 49.23 71.62
C PRO B 112 16.03 48.09 72.37
N VAL B 113 16.47 46.87 72.09
CA VAL B 113 15.87 45.68 72.70
C VAL B 113 16.49 45.46 74.07
N LYS B 114 15.66 45.45 75.10
CA LYS B 114 16.10 45.11 76.43
C LYS B 114 16.35 43.60 76.51
N ALA B 115 17.39 43.20 77.23
CA ALA B 115 17.72 41.79 77.40
C ALA B 115 17.98 41.53 78.87
N HIS B 116 17.76 40.29 79.29
CA HIS B 116 18.15 39.84 80.61
C HIS B 116 19.22 38.77 80.45
N GLU B 117 20.37 38.98 81.09
CA GLU B 117 21.54 38.15 80.85
C GLU B 117 21.24 36.69 81.20
N GLY B 118 21.73 35.78 80.36
CA GLY B 118 21.50 34.36 80.51
C GLY B 118 20.32 33.83 79.73
N TRP B 119 19.44 34.70 79.24
CA TRP B 119 18.30 34.27 78.45
C TRP B 119 18.64 34.29 76.96
N GLY B 120 17.63 34.16 76.11
CA GLY B 120 17.79 34.31 74.67
C GLY B 120 17.02 35.53 74.20
N VAL B 121 17.49 36.11 73.09
CA VAL B 121 16.93 37.37 72.60
C VAL B 121 16.63 37.26 71.12
N MET B 122 15.78 38.18 70.65
CA MET B 122 15.34 38.26 69.27
C MET B 122 15.88 39.54 68.64
N LEU B 123 16.56 39.40 67.51
CA LEU B 123 17.13 40.52 66.76
C LEU B 123 16.75 40.39 65.30
N PRO B 124 15.55 40.82 64.92
CA PRO B 124 15.15 40.78 63.52
C PRO B 124 15.73 41.95 62.73
N CYS B 125 15.71 41.82 61.41
CA CYS B 125 16.19 42.92 60.58
C CYS B 125 15.35 43.16 59.32
N ASN B 126 14.06 42.76 59.32
CA ASN B 126 12.99 43.24 58.45
C ASN B 126 13.47 43.68 57.06
N PRO B 127 13.95 42.75 56.24
CA PRO B 127 14.63 43.15 55.02
C PRO B 127 13.70 43.94 54.10
N PRO B 128 14.25 44.87 53.31
CA PRO B 128 13.40 45.69 52.43
C PRO B 128 12.92 44.95 51.20
N ALA B 129 12.24 45.66 50.30
CA ALA B 129 11.73 45.04 49.08
C ALA B 129 12.90 44.57 48.22
N HIS B 130 12.74 43.39 47.63
CA HIS B 130 13.83 42.76 46.90
C HIS B 130 13.27 41.75 45.91
N TYR B 131 14.07 41.46 44.89
CA TYR B 131 13.80 40.37 43.95
C TYR B 131 15.11 40.01 43.24
N PRO B 132 15.58 38.76 43.34
CA PRO B 132 15.06 37.63 44.11
C PRO B 132 15.64 37.54 45.52
N GLY B 133 15.55 36.37 46.14
CA GLY B 133 15.99 36.23 47.52
C GLY B 133 17.46 36.54 47.71
N LEU B 134 17.77 37.15 48.84
CA LEU B 134 19.10 37.66 49.14
C LEU B 134 19.82 36.74 50.13
N SER B 135 21.06 37.10 50.44
CA SER B 135 21.84 36.42 51.46
C SER B 135 22.09 37.38 52.62
N TYR B 136 21.87 36.91 53.84
CA TYR B 136 21.77 37.76 55.01
C TYR B 136 22.97 37.56 55.93
N ARG B 137 23.44 38.66 56.52
CA ARG B 137 24.54 38.64 57.48
C ARG B 137 24.33 39.75 58.51
N TRP B 138 25.04 39.62 59.63
CA TRP B 138 24.90 40.55 60.75
C TRP B 138 26.27 41.12 61.13
N LEU B 139 26.25 42.40 61.50
CA LEU B 139 27.44 43.17 61.85
C LEU B 139 27.29 43.70 63.27
N LEU B 140 28.42 43.83 63.97
CA LEU B 140 28.42 44.31 65.34
C LEU B 140 29.47 45.40 65.51
N ASN B 141 29.06 46.52 66.10
CA ASN B 141 29.96 47.59 66.52
C ASN B 141 30.65 48.27 65.34
N GLU B 142 31.63 47.60 64.74
CA GLU B 142 32.47 48.20 63.72
C GLU B 142 32.01 47.81 62.32
N PHE B 143 32.40 48.63 61.35
CA PHE B 143 32.10 48.39 59.95
C PHE B 143 33.40 48.38 59.15
N PRO B 144 33.76 47.26 58.52
CA PRO B 144 33.09 45.96 58.57
C PRO B 144 33.76 44.97 59.54
N ASN B 145 33.05 44.58 60.59
CA ASN B 145 33.43 43.46 61.43
C ASN B 145 32.73 42.21 60.89
N PHE B 146 32.72 41.13 61.67
CA PHE B 146 31.93 39.95 61.30
C PHE B 146 31.65 39.16 62.56
N ILE B 147 30.38 39.06 62.94
CA ILE B 147 30.04 38.26 64.12
C ILE B 147 30.38 36.79 63.84
N PRO B 148 30.90 36.05 64.82
CA PRO B 148 31.24 34.65 64.57
C PRO B 148 30.00 33.81 64.31
N THR B 149 30.17 32.81 63.44
CA THR B 149 29.12 31.83 63.19
C THR B 149 29.46 30.57 63.98
N ASP B 150 29.17 30.62 65.27
CA ASP B 150 29.38 29.50 66.18
C ASP B 150 28.05 28.83 66.48
N GLY B 151 28.07 27.87 67.40
CA GLY B 151 26.83 27.25 67.84
C GLY B 151 25.99 28.13 68.76
N ARG B 152 26.59 29.18 69.31
CA ARG B 152 25.87 30.09 70.20
C ARG B 152 24.90 31.00 69.46
N HIS B 153 25.17 31.32 68.19
CA HIS B 153 24.32 32.21 67.41
C HIS B 153 23.89 31.50 66.14
N PHE B 154 22.75 31.92 65.59
CA PHE B 154 22.28 31.37 64.32
C PHE B 154 21.56 32.47 63.55
N VAL B 155 21.79 32.53 62.25
CA VAL B 155 21.22 33.54 61.37
C VAL B 155 20.53 32.79 60.22
N SER B 156 19.22 32.62 60.35
CA SER B 156 18.44 31.96 59.30
C SER B 156 18.46 32.77 58.01
N GLN B 157 18.37 32.09 56.88
CA GLN B 157 18.37 32.73 55.58
C GLN B 157 16.98 32.97 55.02
N THR B 158 15.92 32.67 55.78
CA THR B 158 14.56 32.92 55.33
C THR B 158 13.90 34.11 56.01
N THR B 159 14.38 34.52 57.18
CA THR B 159 13.86 35.72 57.84
C THR B 159 15.02 36.62 58.24
N GLY B 160 16.18 36.03 58.54
CA GLY B 160 17.37 36.78 58.85
C GLY B 160 17.57 37.14 60.30
N ASN B 161 16.59 36.88 61.16
CA ASN B 161 16.69 37.27 62.55
C ASN B 161 17.80 36.50 63.25
N LEU B 162 18.49 37.19 64.16
CA LEU B 162 19.51 36.56 64.99
C LEU B 162 18.86 35.67 66.03
N TYR B 163 19.57 34.61 66.41
CA TYR B 163 19.14 33.71 67.47
C TYR B 163 20.28 33.58 68.48
N ILE B 164 20.34 34.52 69.43
CA ILE B 164 21.34 34.50 70.47
C ILE B 164 20.88 33.53 71.54
N ALA B 165 21.48 32.33 71.57
CA ALA B 165 21.04 31.30 72.51
C ALA B 165 21.22 31.74 73.95
N ARG B 166 22.42 32.20 74.30
CA ARG B 166 22.74 32.64 75.65
C ARG B 166 23.36 34.03 75.60
N THR B 167 23.02 34.86 76.58
CA THR B 167 23.46 36.25 76.62
C THR B 167 24.43 36.44 77.78
N ASN B 168 25.60 37.03 77.48
CA ASN B 168 26.58 37.32 78.51
C ASN B 168 27.18 38.71 78.32
N ALA B 169 28.29 38.98 79.03
CA ALA B 169 28.85 40.33 79.04
C ALA B 169 29.33 40.78 77.67
N SER B 170 29.91 39.87 76.87
CA SER B 170 30.44 40.24 75.57
C SER B 170 29.36 40.65 74.58
N ASP B 171 28.09 40.41 74.88
CA ASP B 171 26.99 40.72 73.98
C ASP B 171 26.60 42.20 73.98
N LEU B 172 27.19 43.00 74.85
CA LEU B 172 26.94 44.43 74.83
C LEU B 172 27.46 45.05 73.53
N GLY B 173 26.64 45.89 72.92
CA GLY B 173 27.01 46.53 71.68
C GLY B 173 25.77 46.97 70.92
N ASN B 174 25.98 47.21 69.62
CA ASN B 174 24.91 47.65 68.72
C ASN B 174 24.96 46.80 67.45
N TYR B 175 23.84 46.16 67.14
CA TYR B 175 23.76 45.17 66.06
C TYR B 175 23.12 45.80 64.83
N SER B 176 23.67 45.46 63.65
CA SER B 176 23.15 45.91 62.38
C SER B 176 23.00 44.73 61.43
N CYS B 177 22.00 44.78 60.57
CA CYS B 177 21.80 43.76 59.56
C CYS B 177 22.35 44.26 58.22
N LEU B 178 22.67 43.32 57.33
CA LEU B 178 22.94 43.68 55.95
C LEU B 178 22.43 42.56 55.04
N ALA B 179 22.11 42.95 53.81
CA ALA B 179 21.63 42.03 52.80
C ALA B 179 22.48 42.16 51.55
N THR B 180 22.80 41.03 50.94
CA THR B 180 23.56 40.99 49.70
C THR B 180 22.70 40.35 48.62
N SER B 181 22.60 41.01 47.48
CA SER B 181 21.83 40.52 46.35
C SER B 181 22.79 39.85 45.38
N HIS B 182 22.55 38.58 45.09
CA HIS B 182 23.38 37.81 44.17
C HIS B 182 22.64 37.64 42.85
N MET B 183 23.16 38.28 41.81
CA MET B 183 22.59 38.20 40.47
C MET B 183 23.71 37.88 39.48
N ASP B 184 23.30 37.58 38.25
CA ASP B 184 24.27 37.23 37.22
C ASP B 184 25.20 38.40 36.90
N PHE B 185 24.66 39.61 36.87
CA PHE B 185 25.41 40.78 36.42
C PHE B 185 26.09 41.53 37.57
N SER B 186 25.31 42.00 38.54
CA SER B 186 25.84 42.90 39.57
C SER B 186 25.47 42.40 40.95
N THR B 187 26.23 42.85 41.94
CA THR B 187 26.02 42.51 43.34
C THR B 187 25.89 43.80 44.14
N LYS B 188 24.85 43.87 44.97
CA LYS B 188 24.59 45.06 45.78
C LYS B 188 24.44 44.65 47.24
N SER B 189 24.97 45.50 48.12
CA SER B 189 24.94 45.24 49.57
C SER B 189 24.29 46.43 50.26
N VAL B 190 23.32 46.16 51.12
CA VAL B 190 22.58 47.20 51.83
C VAL B 190 22.68 46.92 53.32
N PHE B 191 23.18 47.90 54.07
CA PHE B 191 23.35 47.80 55.51
C PHE B 191 22.21 48.55 56.23
N SER B 192 21.98 48.16 57.48
CA SER B 192 20.87 48.68 58.26
C SER B 192 21.38 49.49 59.45
N LYS B 193 20.51 50.38 59.94
CA LYS B 193 20.84 51.19 61.11
C LYS B 193 21.08 50.30 62.33
N PHE B 194 21.73 50.88 63.33
CA PHE B 194 22.13 50.10 64.50
C PHE B 194 21.00 49.99 65.51
N ALA B 195 20.98 48.87 66.24
CA ALA B 195 20.10 48.65 67.37
C ALA B 195 20.98 48.28 68.55
N GLN B 196 21.05 49.17 69.54
CA GLN B 196 21.94 48.96 70.68
C GLN B 196 21.23 48.08 71.70
N LEU B 197 21.84 46.95 72.01
CA LEU B 197 21.29 45.97 72.94
C LEU B 197 21.93 46.16 74.31
N ASN B 198 21.11 46.14 75.36
CA ASN B 198 21.58 46.27 76.73
C ASN B 198 21.04 45.13 77.56
N LEU B 199 21.78 44.77 78.60
CA LEU B 199 21.52 43.58 79.41
C LEU B 199 21.32 43.95 80.87
N ALA B 200 20.32 43.32 81.49
CA ALA B 200 20.01 43.47 82.90
C ALA B 200 20.70 42.36 83.70
N ALA B 201 20.23 42.15 84.93
CA ALA B 201 20.80 41.11 85.79
C ALA B 201 20.56 39.73 85.19
N GLU B 202 21.13 38.70 85.82
CA GLU B 202 21.19 37.37 85.25
C GLU B 202 20.79 36.35 86.30
N ASP B 203 20.89 35.07 85.92
CA ASP B 203 20.68 33.94 86.80
C ASP B 203 21.76 32.91 86.48
N THR B 204 21.64 31.71 87.07
CA THR B 204 22.64 30.67 86.86
C THR B 204 21.96 29.31 86.97
N ARG B 205 21.64 28.72 85.83
CA ARG B 205 21.04 27.39 85.77
C ARG B 205 21.00 26.95 84.31
N LEU B 206 20.65 25.69 84.10
CA LEU B 206 20.49 25.11 82.77
C LEU B 206 19.04 24.71 82.56
N PHE B 207 18.52 24.97 81.37
CA PHE B 207 17.11 24.75 81.08
C PHE B 207 16.96 23.87 79.84
N ALA B 208 15.74 23.37 79.65
CA ALA B 208 15.45 22.53 78.50
C ALA B 208 15.36 23.36 77.23
N PRO B 209 15.69 22.77 76.08
CA PRO B 209 15.58 23.51 74.82
C PRO B 209 14.13 23.83 74.49
N SER B 210 13.93 24.96 73.81
CA SER B 210 12.62 25.35 73.29
C SER B 210 12.81 25.73 71.83
N ILE B 211 12.19 24.97 70.93
CA ILE B 211 12.41 25.18 69.50
C ILE B 211 11.71 26.46 69.07
N LYS B 212 12.45 27.33 68.38
CA LYS B 212 11.92 28.61 67.93
C LYS B 212 11.81 28.70 66.42
N ALA B 213 12.90 28.48 65.70
CA ALA B 213 12.88 28.48 64.23
C ALA B 213 12.61 27.06 63.76
N ARG B 214 11.47 26.86 63.12
CA ARG B 214 11.05 25.54 62.67
C ARG B 214 10.68 25.59 61.20
N PHE B 215 10.85 24.46 60.52
CA PHE B 215 10.43 24.35 59.14
C PHE B 215 8.92 24.15 59.06
N PRO B 216 8.28 24.68 58.02
CA PRO B 216 6.81 24.58 57.94
C PRO B 216 6.35 23.15 57.72
N ALA B 217 5.12 22.88 58.14
CA ALA B 217 4.59 21.52 58.07
C ALA B 217 4.50 21.03 56.64
N GLU B 218 4.01 21.87 55.73
CA GLU B 218 3.84 21.50 54.33
C GLU B 218 4.82 22.29 53.47
N THR B 219 5.57 21.58 52.63
CA THR B 219 6.59 22.20 51.79
C THR B 219 6.51 21.58 50.40
N TYR B 220 5.97 22.32 49.44
CA TYR B 220 5.95 21.85 48.06
C TYR B 220 7.29 22.14 47.39
N ALA B 221 7.73 21.19 46.55
CA ALA B 221 9.02 21.32 45.88
C ALA B 221 8.99 20.51 44.61
N LEU B 222 9.20 21.17 43.46
CA LEU B 222 9.24 20.48 42.19
C LEU B 222 10.43 19.52 42.15
N VAL B 223 10.43 18.66 41.14
CA VAL B 223 11.53 17.71 40.95
C VAL B 223 12.72 18.45 40.38
N GLY B 224 13.85 18.40 41.09
CA GLY B 224 15.07 19.02 40.60
C GLY B 224 15.55 20.19 41.44
N GLN B 225 14.78 20.58 42.44
CA GLN B 225 15.11 21.72 43.29
C GLN B 225 15.74 21.26 44.60
N GLN B 226 16.61 22.11 45.14
CA GLN B 226 17.25 21.88 46.42
C GLN B 226 16.35 22.41 47.54
N VAL B 227 16.17 21.61 48.59
CA VAL B 227 15.30 21.96 49.71
C VAL B 227 16.12 22.01 50.98
N THR B 228 15.99 23.10 51.73
CA THR B 228 16.72 23.27 52.98
C THR B 228 15.71 23.52 54.09
N LEU B 229 15.72 22.65 55.10
CA LEU B 229 14.87 22.79 56.27
C LEU B 229 15.72 23.21 57.46
N GLU B 230 15.33 24.30 58.11
CA GLU B 230 16.10 24.91 59.18
C GLU B 230 15.43 24.67 60.53
N CYS B 231 16.25 24.58 61.58
CA CYS B 231 15.78 24.22 62.90
C CYS B 231 16.72 24.80 63.94
N PHE B 232 16.16 25.34 65.01
CA PHE B 232 16.99 25.86 66.10
C PHE B 232 16.15 25.99 67.36
N ALA B 233 16.81 25.86 68.51
CA ALA B 233 16.15 25.90 69.80
C ALA B 233 17.01 26.65 70.81
N PHE B 234 16.35 27.21 71.82
CA PHE B 234 17.02 27.86 72.94
C PHE B 234 17.36 26.80 73.97
N GLY B 235 18.66 26.61 74.23
CA GLY B 235 19.10 25.63 75.19
C GLY B 235 20.46 25.90 75.77
N ASN B 236 20.59 25.78 77.10
CA ASN B 236 21.86 25.93 77.79
C ASN B 236 22.13 24.66 78.58
N PRO B 237 23.24 23.95 78.32
CA PRO B 237 24.30 24.23 77.34
C PRO B 237 23.82 24.03 75.89
N VAL B 238 24.71 24.22 74.92
CA VAL B 238 24.35 24.18 73.51
C VAL B 238 23.78 22.81 73.16
N PRO B 239 22.51 22.74 72.76
CA PRO B 239 21.91 21.45 72.42
C PRO B 239 22.42 20.95 71.08
N ARG B 240 22.09 19.69 70.80
CA ARG B 240 22.42 19.07 69.52
C ARG B 240 21.14 18.73 68.77
N ILE B 241 21.18 18.88 67.45
CA ILE B 241 20.02 18.73 66.59
C ILE B 241 20.20 17.47 65.76
N LYS B 242 19.20 16.59 65.80
CA LYS B 242 19.19 15.37 65.02
C LYS B 242 18.00 15.37 64.06
N TRP B 243 18.24 14.96 62.82
CA TRP B 243 17.22 14.95 61.78
C TRP B 243 16.94 13.51 61.37
N ARG B 244 15.66 13.13 61.37
CA ARG B 244 15.28 11.76 61.03
C ARG B 244 14.02 11.80 60.17
N LYS B 245 13.72 10.66 59.55
CA LYS B 245 12.52 10.51 58.74
C LYS B 245 11.61 9.47 59.37
N VAL B 246 10.33 9.82 59.52
CA VAL B 246 9.39 8.96 60.24
C VAL B 246 9.16 7.65 59.49
N ASP B 247 8.93 7.74 58.18
CA ASP B 247 8.60 6.57 57.36
C ASP B 247 9.75 6.12 56.49
N GLY B 248 10.98 6.22 56.98
CA GLY B 248 12.13 5.79 56.19
C GLY B 248 13.43 6.15 56.89
N SER B 249 14.50 6.13 56.11
CA SER B 249 15.84 6.44 56.59
C SER B 249 16.51 7.41 55.62
N LEU B 250 17.37 8.26 56.16
CA LEU B 250 18.03 9.28 55.35
C LEU B 250 19.30 8.74 54.71
N SER B 251 19.68 9.34 53.60
CA SER B 251 20.93 8.99 52.94
C SER B 251 22.11 9.37 53.83
N PRO B 252 23.18 8.56 53.84
CA PRO B 252 24.32 8.88 54.72
C PRO B 252 24.95 10.24 54.46
N GLN B 253 24.87 10.73 53.22
CA GLN B 253 25.39 12.07 52.92
C GLN B 253 24.59 13.16 53.61
N TRP B 254 23.37 12.87 54.05
CA TRP B 254 22.53 13.84 54.73
C TRP B 254 22.33 13.54 56.21
N THR B 255 22.83 12.41 56.71
CA THR B 255 22.72 12.06 58.13
C THR B 255 23.73 12.88 58.91
N THR B 256 23.41 14.16 59.08
CA THR B 256 24.28 15.11 59.77
C THR B 256 23.51 15.83 60.86
N ALA B 257 24.22 16.30 61.87
CA ALA B 257 23.62 16.94 63.03
C ALA B 257 23.57 18.46 62.92
N GLU B 258 23.91 19.02 61.76
CA GLU B 258 23.87 20.46 61.59
C GLU B 258 22.43 20.96 61.67
N PRO B 259 22.23 22.21 62.12
CA PRO B 259 20.85 22.69 62.36
C PRO B 259 20.11 23.09 61.08
N THR B 260 20.67 22.74 59.92
CA THR B 260 20.02 23.01 58.64
C THR B 260 20.22 21.81 57.73
N LEU B 261 19.17 21.02 57.53
CA LEU B 261 19.25 19.84 56.68
C LEU B 261 19.02 20.25 55.22
N GLN B 262 19.92 19.82 54.34
CA GLN B 262 19.90 20.24 52.95
C GLN B 262 19.79 19.02 52.03
N ILE B 263 18.99 19.17 50.98
CA ILE B 263 18.84 18.17 49.93
C ILE B 263 19.17 18.86 48.61
N PRO B 264 20.28 18.50 47.95
CA PRO B 264 20.65 19.21 46.72
C PRO B 264 19.68 18.99 45.57
N SER B 265 19.23 17.75 45.38
CA SER B 265 18.25 17.43 44.36
C SER B 265 17.15 16.57 44.97
N VAL B 266 15.93 16.77 44.51
CA VAL B 266 14.76 16.12 45.07
C VAL B 266 14.07 15.29 43.99
N SER B 267 13.82 14.03 44.30
CA SER B 267 13.02 13.14 43.48
C SER B 267 11.83 12.65 44.31
N PHE B 268 11.01 11.78 43.69
CA PHE B 268 9.75 11.40 44.31
C PHE B 268 9.94 10.57 45.58
N GLU B 269 11.13 10.02 45.82
CA GLU B 269 11.34 9.23 47.02
C GLU B 269 11.45 10.08 48.28
N ASP B 270 11.70 11.39 48.14
CA ASP B 270 11.87 12.25 49.29
C ASP B 270 10.55 12.71 49.90
N GLU B 271 9.43 12.50 49.21
CA GLU B 271 8.13 12.90 49.73
C GLU B 271 7.81 12.11 50.99
N GLY B 272 7.39 12.81 52.04
CA GLY B 272 7.09 12.12 53.29
C GLY B 272 7.12 13.07 54.47
N THR B 273 7.53 12.52 55.62
CA THR B 273 7.51 13.23 56.89
C THR B 273 8.90 13.23 57.51
N TYR B 274 9.28 14.38 58.07
CA TYR B 274 10.60 14.59 58.66
C TYR B 274 10.45 15.09 60.09
N GLU B 275 11.47 14.81 60.91
CA GLU B 275 11.48 15.15 62.33
C GLU B 275 12.81 15.79 62.70
N CYS B 276 12.75 16.96 63.34
CA CYS B 276 13.92 17.63 63.89
C CYS B 276 13.82 17.59 65.41
N GLU B 277 14.89 17.12 66.06
CA GLU B 277 14.91 16.94 67.51
C GLU B 277 16.08 17.70 68.11
N ALA B 278 15.80 18.52 69.10
CA ALA B 278 16.82 19.20 69.90
C ALA B 278 16.98 18.46 71.21
N GLU B 279 18.24 18.17 71.57
CA GLU B 279 18.55 17.30 72.69
C GLU B 279 19.64 17.94 73.54
N ASN B 280 19.50 17.84 74.87
CA ASN B 280 20.54 18.28 75.78
C ASN B 280 20.40 17.50 77.08
N SER B 281 21.28 17.79 78.03
CA SER B 281 21.25 17.12 79.33
C SER B 281 20.01 17.48 80.16
N LYS B 282 19.26 18.51 79.75
CA LYS B 282 18.12 18.97 80.53
C LYS B 282 16.78 18.74 79.85
N GLY B 283 16.76 18.40 78.56
CA GLY B 283 15.49 18.19 77.90
C GLY B 283 15.67 17.86 76.43
N ARG B 284 14.53 17.80 75.74
CA ARG B 284 14.48 17.49 74.32
C ARG B 284 13.14 17.92 73.75
N ASP B 285 13.18 18.57 72.59
CA ASP B 285 11.98 19.04 71.90
C ASP B 285 12.05 18.67 70.43
N THR B 286 10.96 18.09 69.91
CA THR B 286 10.95 17.60 68.55
C THR B 286 9.77 18.20 67.78
N VAL B 287 9.97 18.39 66.48
CA VAL B 287 8.97 18.98 65.60
C VAL B 287 8.96 18.21 64.28
N GLN B 288 7.77 17.95 63.76
CA GLN B 288 7.58 17.19 62.54
C GLN B 288 7.07 18.09 61.41
N GLY B 289 7.22 17.59 60.19
CA GLY B 289 6.74 18.30 59.01
C GLY B 289 6.70 17.36 57.84
N ARG B 290 6.23 17.88 56.70
CA ARG B 290 6.08 17.08 55.50
C ARG B 290 6.73 17.74 54.29
N ILE B 291 7.13 16.91 53.33
CA ILE B 291 7.64 17.35 52.04
C ILE B 291 6.81 16.69 50.95
N ILE B 292 6.25 17.50 50.06
CA ILE B 292 5.45 17.05 48.93
C ILE B 292 6.17 17.46 47.65
N VAL B 293 6.35 16.51 46.74
CA VAL B 293 7.10 16.73 45.51
C VAL B 293 6.15 16.66 44.32
N GLN B 294 6.33 17.59 43.38
CA GLN B 294 5.41 17.75 42.25
C GLN B 294 6.22 17.87 40.96
N ALA B 295 5.53 17.92 39.84
CA ALA B 295 6.20 17.96 38.54
C ALA B 295 5.33 18.68 37.53
N GLN B 296 5.97 19.14 36.45
CA GLN B 296 5.36 19.83 35.33
C GLN B 296 4.85 18.83 34.30
N PRO B 297 3.87 19.22 33.48
CA PRO B 297 3.34 18.29 32.47
C PRO B 297 4.36 17.97 31.39
N GLU B 298 4.28 16.75 30.88
CA GLU B 298 5.11 16.30 29.77
C GLU B 298 4.25 15.48 28.82
N TRP B 299 4.59 15.53 27.53
CA TRP B 299 3.79 14.83 26.53
C TRP B 299 4.02 13.33 26.61
N LEU B 300 3.01 12.57 26.15
CA LEU B 300 3.13 11.12 26.05
C LEU B 300 2.74 10.67 24.65
N LYS B 301 1.83 11.41 24.02
CA LYS B 301 1.31 11.05 22.71
C LYS B 301 0.72 12.30 22.07
N VAL B 302 1.26 12.70 20.92
CA VAL B 302 0.84 13.94 20.27
C VAL B 302 0.26 13.62 18.89
N ILE B 303 -0.18 14.66 18.18
CA ILE B 303 -0.76 14.51 16.86
C ILE B 303 0.30 14.83 15.82
N SER B 304 0.02 14.47 14.56
CA SER B 304 0.94 14.67 13.46
C SER B 304 0.17 15.11 12.23
N ASP B 305 0.89 15.42 11.17
CA ASP B 305 0.28 15.90 9.94
C ASP B 305 -0.57 14.80 9.31
N THR B 306 -1.67 15.19 8.67
CA THR B 306 -2.60 14.23 8.11
C THR B 306 -3.26 14.79 6.86
N GLU B 307 -3.30 13.97 5.80
CA GLU B 307 -4.04 14.26 4.59
C GLU B 307 -5.14 13.22 4.45
N ALA B 308 -6.38 13.67 4.35
CA ALA B 308 -7.53 12.82 4.17
C ALA B 308 -8.31 13.26 2.93
N ASP B 309 -9.39 12.54 2.63
CA ASP B 309 -10.23 12.85 1.49
C ASP B 309 -11.63 13.26 1.96
N ILE B 310 -12.31 14.02 1.11
CA ILE B 310 -13.64 14.53 1.45
C ILE B 310 -14.60 13.36 1.63
N GLY B 311 -15.40 13.42 2.68
CA GLY B 311 -16.40 12.41 2.95
C GLY B 311 -16.03 11.40 4.02
N SER B 312 -14.79 11.39 4.48
CA SER B 312 -14.33 10.40 5.44
C SER B 312 -14.43 10.95 6.86
N ASN B 313 -13.92 10.18 7.83
CA ASN B 313 -13.96 10.54 9.24
C ASN B 313 -12.56 10.41 9.82
N LEU B 314 -12.28 11.19 10.87
CA LEU B 314 -10.95 11.21 11.46
C LEU B 314 -11.05 11.23 12.98
N ARG B 315 -9.99 10.72 13.62
CA ARG B 315 -9.88 10.73 15.08
C ARG B 315 -8.48 11.14 15.47
N TRP B 316 -8.38 12.04 16.44
CA TRP B 316 -7.11 12.58 16.92
C TRP B 316 -7.09 12.56 18.44
N GLY B 317 -5.90 12.43 19.01
CA GLY B 317 -5.77 12.29 20.45
C GLY B 317 -4.55 12.96 21.02
N CYS B 318 -4.55 13.12 22.34
CA CYS B 318 -3.47 13.74 23.09
C CYS B 318 -3.35 13.07 24.44
N ALA B 319 -2.19 13.21 25.08
CA ALA B 319 -1.96 12.63 26.40
C ALA B 319 -0.77 13.31 27.06
N ALA B 320 -0.94 13.67 28.34
CA ALA B 320 0.09 14.36 29.11
C ALA B 320 0.30 13.64 30.44
N ALA B 321 1.30 14.09 31.18
CA ALA B 321 1.67 13.46 32.44
C ALA B 321 2.27 14.51 33.36
N GLY B 322 1.60 14.79 34.47
CA GLY B 322 2.13 15.68 35.49
C GLY B 322 1.48 15.36 36.82
N LYS B 323 2.24 15.63 37.90
CA LYS B 323 1.77 15.19 39.22
C LYS B 323 0.43 15.82 39.60
N PRO B 324 0.23 17.14 39.48
CA PRO B 324 -1.14 17.67 39.43
C PRO B 324 -1.66 17.51 38.01
N ARG B 325 -2.66 16.65 37.84
CA ARG B 325 -2.97 16.12 36.53
C ARG B 325 -3.34 17.22 35.55
N PRO B 326 -2.78 17.24 34.35
CA PRO B 326 -3.03 18.33 33.42
C PRO B 326 -4.38 18.22 32.74
N THR B 327 -4.79 19.33 32.12
CA THR B 327 -6.00 19.41 31.34
C THR B 327 -5.65 19.77 29.90
N VAL B 328 -6.38 19.20 28.95
CA VAL B 328 -6.07 19.30 27.53
C VAL B 328 -7.19 20.06 26.83
N ARG B 329 -6.81 21.00 25.97
CA ARG B 329 -7.76 21.77 25.18
C ARG B 329 -7.21 21.95 23.76
N TRP B 330 -8.09 22.40 22.86
CA TRP B 330 -7.80 22.41 21.44
C TRP B 330 -7.91 23.82 20.85
N LEU B 331 -7.02 24.09 19.90
CA LEU B 331 -6.99 25.36 19.20
C LEU B 331 -7.03 25.12 17.70
N ARG B 332 -7.80 25.94 17.00
CA ARG B 332 -7.83 25.96 15.54
C ARG B 332 -7.43 27.37 15.09
N ASN B 333 -6.32 27.47 14.36
CA ASN B 333 -5.82 28.73 13.83
C ASN B 333 -5.69 29.78 14.94
N GLY B 334 -5.20 29.36 16.09
CA GLY B 334 -5.00 30.26 17.21
C GLY B 334 -6.26 30.66 17.96
N GLU B 335 -7.38 29.99 17.72
CA GLU B 335 -8.62 30.28 18.43
C GLU B 335 -9.11 29.05 19.18
N PRO B 336 -9.77 29.22 20.32
CA PRO B 336 -10.30 28.06 21.04
C PRO B 336 -11.29 27.28 20.18
N LEU B 337 -11.23 25.95 20.27
CA LEU B 337 -12.08 25.08 19.47
C LEU B 337 -13.15 24.46 20.36
N ALA B 338 -14.41 24.70 20.02
CA ALA B 338 -15.54 24.20 20.78
C ALA B 338 -16.33 23.20 19.93
N SER B 339 -17.01 22.29 20.61
CA SER B 339 -17.77 21.24 19.93
C SER B 339 -18.94 21.86 19.17
N GLN B 340 -18.87 21.84 17.84
CA GLN B 340 -19.95 22.35 17.02
C GLN B 340 -20.01 21.57 15.71
N ASN B 341 -21.22 21.42 15.17
CA ASN B 341 -21.45 20.77 13.90
C ASN B 341 -20.82 19.38 13.82
N ARG B 342 -19.90 19.20 12.86
CA ARG B 342 -19.28 17.92 12.58
C ARG B 342 -17.93 17.75 13.26
N VAL B 343 -17.56 18.67 14.15
CA VAL B 343 -16.32 18.57 14.92
C VAL B 343 -16.72 18.34 16.37
N GLU B 344 -16.25 17.24 16.97
CA GLU B 344 -16.62 16.90 18.33
C GLU B 344 -15.36 16.78 19.18
N VAL B 345 -15.28 17.57 20.25
CA VAL B 345 -14.13 17.59 21.15
C VAL B 345 -14.58 17.00 22.49
N LEU B 346 -13.72 16.19 23.09
CA LEU B 346 -14.06 15.59 24.38
C LEU B 346 -12.77 15.30 25.15
N ALA B 347 -12.43 16.19 26.08
CA ALA B 347 -11.43 15.94 27.12
C ALA B 347 -10.11 15.44 26.54
N GLY B 348 -9.78 15.88 25.33
CA GLY B 348 -8.54 15.52 24.70
C GLY B 348 -8.63 14.57 23.52
N ASP B 349 -9.83 14.25 23.04
CA ASP B 349 -9.97 13.51 21.79
C ASP B 349 -10.87 14.28 20.84
N LEU B 350 -10.49 14.28 19.56
CA LEU B 350 -11.13 15.09 18.54
C LEU B 350 -11.65 14.19 17.43
N ARG B 351 -12.91 14.35 17.06
CA ARG B 351 -13.56 13.50 16.09
C ARG B 351 -14.13 14.35 14.95
N PHE B 352 -13.81 13.97 13.72
CA PHE B 352 -14.32 14.60 12.52
C PHE B 352 -15.25 13.61 11.82
N SER B 353 -16.49 14.03 11.58
CA SER B 353 -17.48 13.23 10.88
C SER B 353 -17.87 13.93 9.59
N LYS B 354 -17.83 13.20 8.49
CA LYS B 354 -18.12 13.73 7.15
C LYS B 354 -17.21 14.93 6.85
N LEU B 355 -15.93 14.62 6.77
CA LEU B 355 -14.90 15.64 6.54
C LEU B 355 -15.18 16.43 5.27
N SER B 356 -15.08 17.75 5.36
CA SER B 356 -15.35 18.66 4.26
C SER B 356 -14.06 19.35 3.81
N LEU B 357 -14.20 20.22 2.80
CA LEU B 357 -13.07 20.99 2.33
C LEU B 357 -12.69 22.11 3.28
N GLU B 358 -13.62 22.56 4.12
CA GLU B 358 -13.37 23.68 5.02
C GLU B 358 -12.49 23.29 6.20
N ASP B 359 -12.43 22.00 6.55
CA ASP B 359 -11.73 21.55 7.76
C ASP B 359 -10.22 21.50 7.61
N SER B 360 -9.65 22.06 6.56
CA SER B 360 -8.21 22.07 6.39
C SER B 360 -7.60 23.25 7.15
N GLY B 361 -6.48 23.01 7.80
CA GLY B 361 -5.80 24.07 8.52
C GLY B 361 -4.88 23.52 9.59
N MET B 362 -4.39 24.46 10.41
CA MET B 362 -3.43 24.16 11.46
C MET B 362 -4.16 24.00 12.79
N TYR B 363 -4.02 22.83 13.41
CA TYR B 363 -4.64 22.53 14.69
C TYR B 363 -3.56 22.41 15.76
N GLN B 364 -3.97 22.63 17.01
CA GLN B 364 -3.03 22.65 18.11
C GLN B 364 -3.67 22.05 19.36
N CYS B 365 -2.81 21.45 20.18
CA CYS B 365 -3.20 20.76 21.41
C CYS B 365 -2.43 21.39 22.55
N VAL B 366 -3.13 21.75 23.63
CA VAL B 366 -2.52 22.47 24.75
C VAL B 366 -2.79 21.68 26.03
N ALA B 367 -1.74 21.36 26.77
CA ALA B 367 -1.85 20.66 28.04
C ALA B 367 -1.31 21.55 29.15
N GLU B 368 -2.14 21.82 30.15
CA GLU B 368 -1.83 22.84 31.15
C GLU B 368 -2.09 22.31 32.56
N ASN B 369 -1.29 22.79 33.51
CA ASN B 369 -1.59 22.64 34.93
C ASN B 369 -1.03 23.85 35.66
N LYS B 370 -0.99 23.78 36.98
CA LYS B 370 -0.59 24.93 37.78
C LYS B 370 0.87 25.31 37.56
N HIS B 371 1.72 24.34 37.22
CA HIS B 371 3.15 24.57 37.11
C HIS B 371 3.62 24.89 35.69
N GLY B 372 2.74 24.81 34.69
CA GLY B 372 3.14 25.16 33.35
C GLY B 372 2.21 24.59 32.30
N THR B 373 2.47 24.99 31.06
CA THR B 373 1.68 24.59 29.90
C THR B 373 2.59 24.18 28.76
N ILE B 374 2.07 23.32 27.89
CA ILE B 374 2.83 22.81 26.75
C ILE B 374 1.91 22.74 25.53
N TYR B 375 2.52 22.85 24.35
CA TYR B 375 1.82 22.94 23.09
C TYR B 375 2.28 21.84 22.13
N ALA B 376 1.40 21.49 21.20
CA ALA B 376 1.72 20.58 20.11
C ALA B 376 0.93 21.03 18.88
N SER B 377 1.51 20.84 17.70
CA SER B 377 0.92 21.37 16.47
C SER B 377 0.78 20.27 15.43
N ALA B 378 -0.19 20.45 14.52
CA ALA B 378 -0.40 19.53 13.41
C ALA B 378 -1.17 20.24 12.32
N GLU B 379 -1.20 19.62 11.14
CA GLU B 379 -1.86 20.17 9.98
C GLU B 379 -2.79 19.12 9.36
N LEU B 380 -4.01 19.54 9.01
CA LEU B 380 -4.98 18.69 8.36
C LEU B 380 -5.26 19.22 6.96
N ALA B 381 -5.12 18.36 5.95
CA ALA B 381 -5.36 18.72 4.57
C ALA B 381 -6.37 17.76 3.96
N VAL B 382 -7.38 18.31 3.30
CA VAL B 382 -8.46 17.54 2.69
C VAL B 382 -8.33 17.63 1.18
N GLN B 383 -8.36 16.48 0.51
CA GLN B 383 -8.10 16.37 -0.92
C GLN B 383 -9.34 15.85 -1.65
N ALA B 384 -9.55 16.38 -2.85
CA ALA B 384 -10.60 15.91 -3.75
C ALA B 384 -9.94 15.44 -5.04
N LEU B 385 -10.32 14.25 -5.51
CA LEU B 385 -9.67 13.61 -6.64
C LEU B 385 -10.69 13.18 -7.68
N ALA B 386 -10.37 13.44 -8.94
CA ALA B 386 -11.15 12.95 -10.07
C ALA B 386 -10.88 11.47 -10.29
N PRO B 387 -11.83 10.74 -10.90
CA PRO B 387 -11.64 9.31 -11.10
C PRO B 387 -10.41 9.02 -11.98
N ASP B 388 -9.71 7.95 -11.64
CA ASP B 388 -8.51 7.56 -12.36
C ASP B 388 -8.38 6.04 -12.33
N PHE B 389 -8.05 5.46 -13.48
CA PHE B 389 -7.96 4.02 -13.64
C PHE B 389 -6.52 3.53 -13.81
N ARG B 390 -5.54 4.41 -13.65
CA ARG B 390 -4.15 4.04 -13.93
C ARG B 390 -3.66 2.94 -12.99
N LEU B 391 -3.99 3.04 -11.70
CA LEU B 391 -3.50 2.06 -10.74
C LEU B 391 -4.25 0.75 -10.84
N ASN B 392 -5.57 0.81 -11.04
CA ASN B 392 -6.44 -0.38 -11.03
C ASN B 392 -7.32 -0.38 -12.26
N PRO B 393 -6.77 -0.71 -13.43
CA PRO B 393 -7.61 -0.81 -14.63
C PRO B 393 -8.28 -2.18 -14.73
N VAL B 394 -9.39 -2.20 -15.46
CA VAL B 394 -10.10 -3.45 -15.71
C VAL B 394 -9.23 -4.38 -16.54
N ARG B 395 -9.35 -5.68 -16.26
CA ARG B 395 -8.56 -6.69 -16.97
C ARG B 395 -8.80 -6.61 -18.46
N ARG B 396 -7.71 -6.62 -19.23
CA ARG B 396 -7.83 -6.55 -20.69
C ARG B 396 -8.32 -7.87 -21.27
N LEU B 397 -7.78 -8.99 -20.78
CA LEU B 397 -8.15 -10.31 -21.26
C LEU B 397 -8.88 -11.04 -20.14
N ILE B 398 -10.10 -11.52 -20.43
CA ILE B 398 -10.91 -12.21 -19.43
C ILE B 398 -11.34 -13.56 -19.99
N PRO B 399 -10.47 -14.57 -19.96
CA PRO B 399 -10.88 -15.90 -20.43
C PRO B 399 -11.86 -16.54 -19.45
N ALA B 400 -13.02 -16.92 -19.97
CA ALA B 400 -14.08 -17.50 -19.15
C ALA B 400 -14.48 -18.85 -19.73
N ALA B 401 -14.56 -19.86 -18.88
CA ALA B 401 -14.98 -21.19 -19.31
C ALA B 401 -16.47 -21.21 -19.65
N ARG B 402 -16.86 -22.19 -20.45
CA ARG B 402 -18.26 -22.34 -20.83
C ARG B 402 -19.11 -22.77 -19.65
N GLY B 403 -20.32 -22.20 -19.56
CA GLY B 403 -21.25 -22.59 -18.51
C GLY B 403 -20.81 -22.29 -17.11
N GLY B 404 -20.09 -21.18 -16.90
CA GLY B 404 -19.61 -20.84 -15.59
C GLY B 404 -20.01 -19.45 -15.15
N GLU B 405 -19.35 -18.94 -14.11
CA GLU B 405 -19.61 -17.61 -13.59
C GLU B 405 -18.36 -16.75 -13.70
N ILE B 406 -18.57 -15.47 -13.98
CA ILE B 406 -17.47 -14.52 -14.06
C ILE B 406 -17.83 -13.27 -13.28
N LEU B 407 -16.80 -12.63 -12.70
CA LEU B 407 -16.96 -11.43 -11.90
C LEU B 407 -15.87 -10.44 -12.27
N ILE B 408 -16.28 -9.21 -12.62
CA ILE B 408 -15.34 -8.17 -13.02
C ILE B 408 -15.53 -6.95 -12.12
N PRO B 409 -14.60 -6.66 -11.23
CA PRO B 409 -14.69 -5.45 -10.42
C PRO B 409 -14.26 -4.21 -11.19
N CYS B 410 -14.73 -3.05 -10.71
CA CYS B 410 -14.40 -1.76 -11.31
C CYS B 410 -14.32 -0.74 -10.17
N GLN B 411 -13.11 -0.48 -9.68
CA GLN B 411 -12.89 0.40 -8.54
C GLN B 411 -11.82 1.44 -8.88
N PRO B 412 -12.22 2.59 -9.41
CA PRO B 412 -11.25 3.65 -9.68
C PRO B 412 -10.81 4.36 -8.41
N ARG B 413 -9.72 5.10 -8.52
CA ARG B 413 -9.21 5.91 -7.42
C ARG B 413 -9.91 7.27 -7.47
N ALA B 414 -10.87 7.48 -6.59
CA ALA B 414 -11.68 8.69 -6.60
C ALA B 414 -11.93 9.17 -5.18
N ALA B 415 -12.25 10.44 -5.06
CA ALA B 415 -12.56 11.08 -3.78
C ALA B 415 -13.54 12.22 -4.01
N PRO B 416 -14.82 12.05 -3.66
CA PRO B 416 -15.44 10.89 -3.02
C PRO B 416 -15.68 9.71 -3.97
N LYS B 417 -16.50 8.76 -3.56
CA LYS B 417 -16.76 7.57 -4.38
C LYS B 417 -17.47 7.96 -5.67
N ALA B 418 -17.19 7.19 -6.73
CA ALA B 418 -17.73 7.47 -8.04
C ALA B 418 -18.84 6.50 -8.40
N VAL B 419 -19.87 7.03 -9.07
CA VAL B 419 -20.95 6.20 -9.59
C VAL B 419 -20.43 5.40 -10.77
N VAL B 420 -20.73 4.10 -10.76
CA VAL B 420 -20.19 3.16 -11.76
C VAL B 420 -21.35 2.60 -12.56
N LEU B 421 -21.22 2.66 -13.89
CA LEU B 421 -22.23 2.14 -14.81
C LEU B 421 -21.55 1.26 -15.85
N TRP B 422 -22.09 0.06 -16.07
CA TRP B 422 -21.52 -0.89 -17.00
C TRP B 422 -22.25 -0.86 -18.33
N SER B 423 -21.57 -1.33 -19.37
CA SER B 423 -22.14 -1.38 -20.70
C SER B 423 -21.43 -2.46 -21.51
N LYS B 424 -22.15 -3.06 -22.45
CA LYS B 424 -21.57 -3.99 -23.41
C LYS B 424 -21.73 -3.39 -24.81
N GLY B 425 -20.62 -3.17 -25.50
CA GLY B 425 -20.66 -2.49 -26.77
C GLY B 425 -21.19 -1.09 -26.64
N THR B 426 -22.42 -0.87 -27.12
CA THR B 426 -23.10 0.40 -26.92
C THR B 426 -24.36 0.27 -26.07
N GLU B 427 -24.84 -0.95 -25.82
CA GLU B 427 -26.01 -1.12 -24.98
C GLU B 427 -25.66 -0.89 -23.52
N ILE B 428 -26.68 -0.50 -22.74
CA ILE B 428 -26.53 -0.26 -21.31
C ILE B 428 -27.16 -1.44 -20.57
N LEU B 429 -26.42 -1.99 -19.61
CA LEU B 429 -26.85 -3.20 -18.92
C LEU B 429 -27.69 -2.84 -17.70
N VAL B 430 -28.97 -3.17 -17.77
CA VAL B 430 -29.86 -3.15 -16.61
C VAL B 430 -29.94 -4.57 -16.07
N ASN B 431 -29.65 -4.74 -14.79
CA ASN B 431 -29.24 -6.02 -14.25
C ASN B 431 -30.41 -6.92 -13.83
N SER B 432 -30.22 -8.22 -14.00
CA SER B 432 -31.32 -9.17 -14.02
C SER B 432 -30.89 -10.44 -13.30
N SER B 433 -31.66 -11.52 -13.51
CA SER B 433 -31.35 -12.81 -12.92
C SER B 433 -30.01 -13.36 -13.42
N ARG B 434 -29.74 -13.24 -14.72
CA ARG B 434 -28.51 -13.80 -15.27
C ARG B 434 -27.33 -12.86 -15.09
N VAL B 435 -27.53 -11.56 -15.29
CA VAL B 435 -26.48 -10.55 -15.16
C VAL B 435 -26.80 -9.69 -13.96
N THR B 436 -25.83 -9.51 -13.07
CA THR B 436 -26.05 -8.75 -11.84
C THR B 436 -24.95 -7.70 -11.68
N VAL B 437 -25.34 -6.51 -11.25
CA VAL B 437 -24.42 -5.40 -11.02
C VAL B 437 -24.56 -5.03 -9.55
N THR B 438 -23.59 -5.42 -8.74
CA THR B 438 -23.60 -5.12 -7.33
C THR B 438 -23.35 -3.63 -7.10
N PRO B 439 -23.76 -3.10 -5.94
CA PRO B 439 -23.49 -1.68 -5.66
C PRO B 439 -22.03 -1.31 -5.70
N ASP B 440 -21.13 -2.24 -5.36
CA ASP B 440 -19.70 -1.98 -5.43
C ASP B 440 -19.19 -1.82 -6.85
N GLY B 441 -20.00 -2.15 -7.85
CA GLY B 441 -19.65 -2.01 -9.24
C GLY B 441 -19.22 -3.28 -9.94
N THR B 442 -18.85 -4.31 -9.17
CA THR B 442 -18.47 -5.58 -9.78
C THR B 442 -19.64 -6.19 -10.52
N LEU B 443 -19.42 -6.56 -11.77
CA LEU B 443 -20.45 -7.14 -12.63
C LEU B 443 -20.24 -8.65 -12.71
N ILE B 444 -21.28 -9.40 -12.40
CA ILE B 444 -21.21 -10.85 -12.34
C ILE B 444 -22.18 -11.43 -13.37
N ILE B 445 -21.69 -12.37 -14.17
CA ILE B 445 -22.50 -13.07 -15.16
C ILE B 445 -22.48 -14.56 -14.85
N ARG B 446 -23.66 -15.15 -14.80
CA ARG B 446 -23.86 -16.57 -14.59
C ARG B 446 -24.34 -17.20 -15.88
N ASN B 447 -23.99 -18.48 -16.07
CA ASN B 447 -24.43 -19.24 -17.23
C ASN B 447 -23.97 -18.56 -18.51
N ILE B 448 -22.65 -18.51 -18.68
CA ILE B 448 -22.05 -17.87 -19.86
C ILE B 448 -22.18 -18.80 -21.07
N SER B 449 -22.49 -18.20 -22.22
CA SER B 449 -22.66 -18.95 -23.47
C SER B 449 -21.77 -18.32 -24.53
N ARG B 450 -21.91 -18.78 -25.77
CA ARG B 450 -21.14 -18.24 -26.88
C ARG B 450 -21.76 -16.95 -27.45
N SER B 451 -22.70 -16.35 -26.72
CA SER B 451 -23.29 -15.08 -27.13
C SER B 451 -22.84 -13.90 -26.29
N ASP B 452 -22.02 -14.11 -25.26
CA ASP B 452 -21.62 -13.05 -24.35
C ASP B 452 -20.26 -12.46 -24.66
N GLU B 453 -19.50 -13.01 -25.59
CA GLU B 453 -18.18 -12.48 -25.88
C GLU B 453 -18.29 -11.10 -26.52
N GLY B 454 -17.30 -10.27 -26.26
CA GLY B 454 -17.29 -8.94 -26.85
C GLY B 454 -16.47 -7.99 -25.99
N LYS B 455 -16.86 -6.72 -26.04
CA LYS B 455 -16.16 -5.64 -25.36
C LYS B 455 -17.07 -5.06 -24.30
N TYR B 456 -16.58 -5.01 -23.06
CA TYR B 456 -17.32 -4.46 -21.94
C TYR B 456 -16.64 -3.17 -21.46
N THR B 457 -17.43 -2.20 -21.03
CA THR B 457 -16.93 -0.91 -20.62
C THR B 457 -17.54 -0.51 -19.28
N CYS B 458 -16.73 0.09 -18.43
CA CYS B 458 -17.14 0.60 -17.13
C CYS B 458 -16.90 2.10 -17.09
N PHE B 459 -17.95 2.86 -16.79
CA PHE B 459 -17.89 4.32 -16.71
C PHE B 459 -18.02 4.74 -15.26
N ALA B 460 -17.05 5.52 -14.78
CA ALA B 460 -17.05 6.03 -13.41
C ALA B 460 -17.14 7.54 -13.45
N GLU B 461 -18.10 8.10 -12.70
CA GLU B 461 -18.31 9.55 -12.72
C GLU B 461 -18.60 10.06 -11.31
N ASN B 462 -18.02 11.21 -10.98
CA ASN B 462 -18.43 11.95 -9.79
C ASN B 462 -18.44 13.44 -10.14
N PHE B 463 -18.71 14.28 -9.15
CA PHE B 463 -18.80 15.72 -9.40
C PHE B 463 -17.45 16.35 -9.68
N MET B 464 -16.36 15.57 -9.69
CA MET B 464 -15.04 16.05 -10.06
C MET B 464 -14.62 15.67 -11.47
N GLY B 465 -15.14 14.57 -12.01
CA GLY B 465 -14.76 14.17 -13.35
C GLY B 465 -15.39 12.86 -13.74
N LYS B 466 -14.89 12.33 -14.86
CA LYS B 466 -15.38 11.09 -15.46
C LYS B 466 -14.22 10.33 -16.09
N ALA B 467 -14.25 9.00 -15.96
CA ALA B 467 -13.26 8.14 -16.58
C ALA B 467 -13.94 6.83 -16.96
N ASN B 468 -13.21 5.99 -17.68
CA ASN B 468 -13.79 4.74 -18.14
C ASN B 468 -12.70 3.73 -18.44
N SER B 469 -13.09 2.46 -18.49
CA SER B 469 -12.14 1.39 -18.77
C SER B 469 -12.84 0.30 -19.58
N THR B 470 -12.04 -0.51 -20.27
CA THR B 470 -12.56 -1.46 -21.24
C THR B 470 -11.86 -2.81 -21.11
N GLY B 471 -12.64 -3.89 -21.22
CA GLY B 471 -12.12 -5.23 -21.22
C GLY B 471 -12.73 -6.06 -22.34
N ILE B 472 -12.09 -7.19 -22.63
CA ILE B 472 -12.52 -8.08 -23.71
C ILE B 472 -12.79 -9.45 -23.12
N LEU B 473 -13.94 -10.03 -23.47
CA LEU B 473 -14.38 -11.31 -22.95
C LEU B 473 -14.38 -12.35 -24.06
N SER B 474 -13.85 -13.54 -23.77
CA SER B 474 -13.83 -14.65 -24.71
C SER B 474 -14.23 -15.93 -23.99
N VAL B 475 -14.80 -16.86 -24.75
CA VAL B 475 -15.36 -18.09 -24.20
C VAL B 475 -14.61 -19.29 -24.77
N ARG B 476 -14.38 -20.29 -23.93
CA ARG B 476 -13.73 -21.53 -24.34
C ARG B 476 -14.44 -22.70 -23.67
N ASP B 477 -14.11 -23.91 -24.12
CA ASP B 477 -14.65 -25.10 -23.48
C ASP B 477 -13.99 -25.33 -22.13
N ALA B 478 -14.69 -26.07 -21.27
CA ALA B 478 -14.24 -26.34 -19.91
C ALA B 478 -13.64 -27.73 -19.79
N THR B 479 -12.70 -27.86 -18.86
CA THR B 479 -12.03 -29.12 -18.60
C THR B 479 -12.98 -30.09 -17.88
N LYS B 480 -12.67 -31.38 -17.98
CA LYS B 480 -13.50 -32.40 -17.36
C LYS B 480 -12.62 -33.56 -16.91
N ILE B 481 -13.16 -34.36 -16.00
CA ILE B 481 -12.55 -35.62 -15.57
C ILE B 481 -13.57 -36.71 -15.86
N THR B 482 -13.27 -37.55 -16.85
CA THR B 482 -14.21 -38.58 -17.27
C THR B 482 -13.92 -39.95 -16.66
N LEU B 483 -12.95 -40.05 -15.76
CA LEU B 483 -12.63 -41.31 -15.11
C LEU B 483 -11.89 -41.03 -13.81
N ALA B 484 -12.36 -41.63 -12.72
CA ALA B 484 -11.75 -41.47 -11.42
C ALA B 484 -11.06 -42.76 -10.98
N PRO B 485 -9.99 -42.67 -10.19
CA PRO B 485 -9.30 -43.89 -9.74
C PRO B 485 -10.09 -44.65 -8.67
N SER B 486 -9.51 -45.72 -8.15
CA SER B 486 -10.19 -46.57 -7.18
C SER B 486 -9.26 -46.82 -5.99
N SER B 487 -9.88 -47.03 -4.83
CA SER B 487 -9.16 -47.31 -3.60
C SER B 487 -8.53 -48.70 -3.66
N ALA B 488 -7.49 -48.90 -2.85
CA ALA B 488 -6.81 -50.20 -2.87
C ALA B 488 -6.09 -50.42 -1.54
N ASP B 489 -5.72 -51.67 -1.31
CA ASP B 489 -4.91 -52.08 -0.17
C ASP B 489 -3.83 -53.04 -0.66
N ILE B 490 -2.59 -52.80 -0.22
CA ILE B 490 -1.43 -53.57 -0.68
C ILE B 490 -0.46 -53.73 0.49
N ASN B 491 0.61 -54.47 0.21
CA ASN B 491 1.69 -54.70 1.17
C ASN B 491 2.91 -53.89 0.77
N LEU B 492 3.73 -53.55 1.77
CA LEU B 492 4.97 -52.80 1.53
C LEU B 492 5.84 -53.53 0.52
N GLY B 493 6.04 -52.94 -0.65
CA GLY B 493 6.81 -53.56 -1.72
C GLY B 493 6.00 -54.00 -2.91
N ASP B 494 4.70 -53.70 -2.96
CA ASP B 494 3.86 -54.10 -4.07
C ASP B 494 3.72 -52.95 -5.07
N ASN B 495 3.13 -53.27 -6.23
CA ASN B 495 2.96 -52.34 -7.33
C ASN B 495 1.49 -52.17 -7.63
N LEU B 496 1.04 -50.92 -7.79
CA LEU B 496 -0.37 -50.63 -7.95
C LEU B 496 -0.58 -49.59 -9.06
N THR B 497 -1.63 -49.77 -9.85
CA THR B 497 -1.90 -48.90 -10.99
C THR B 497 -3.20 -48.15 -10.79
N LEU B 498 -3.16 -46.84 -11.02
CA LEU B 498 -4.35 -45.99 -10.97
C LEU B 498 -4.49 -45.22 -12.28
N GLN B 499 -5.73 -45.01 -12.68
CA GLN B 499 -6.07 -44.41 -13.97
C GLN B 499 -6.79 -43.08 -13.76
N CYS B 500 -6.70 -42.20 -14.76
CA CYS B 500 -7.32 -40.88 -14.68
C CYS B 500 -7.40 -40.32 -16.10
N HIS B 501 -8.61 -40.01 -16.55
CA HIS B 501 -8.84 -39.53 -17.91
C HIS B 501 -9.56 -38.19 -17.89
N ALA B 502 -9.25 -37.36 -18.89
CA ALA B 502 -9.76 -35.99 -18.91
C ALA B 502 -10.05 -35.57 -20.34
N SER B 503 -10.86 -34.52 -20.47
CA SER B 503 -11.16 -33.89 -21.75
C SER B 503 -11.07 -32.38 -21.59
N HIS B 504 -10.77 -31.70 -22.70
CA HIS B 504 -10.44 -30.28 -22.65
C HIS B 504 -10.69 -29.67 -24.02
N ASP B 505 -10.49 -28.35 -24.10
CA ASP B 505 -10.61 -27.64 -25.35
C ASP B 505 -9.49 -28.08 -26.31
N PRO B 506 -9.79 -28.20 -27.61
CA PRO B 506 -8.76 -28.66 -28.55
C PRO B 506 -7.57 -27.73 -28.69
N THR B 507 -7.71 -26.46 -28.33
CA THR B 507 -6.67 -25.47 -28.59
C THR B 507 -5.76 -25.19 -27.40
N MET B 508 -5.90 -25.93 -26.30
CA MET B 508 -5.09 -25.70 -25.11
C MET B 508 -4.38 -26.97 -24.69
N ASP B 509 -3.37 -26.80 -23.83
CA ASP B 509 -2.59 -27.91 -23.30
C ASP B 509 -3.16 -28.35 -21.96
N LEU B 510 -3.15 -29.66 -21.73
CA LEU B 510 -3.70 -30.27 -20.53
C LEU B 510 -2.64 -31.15 -19.88
N THR B 511 -2.48 -31.01 -18.56
CA THR B 511 -1.47 -31.76 -17.82
C THR B 511 -2.11 -32.40 -16.59
N PHE B 512 -1.59 -33.58 -16.23
CA PHE B 512 -2.05 -34.32 -15.07
C PHE B 512 -1.04 -34.20 -13.95
N THR B 513 -1.52 -33.95 -12.73
CA THR B 513 -0.68 -33.89 -11.55
C THR B 513 -1.33 -34.70 -10.44
N TRP B 514 -0.53 -35.54 -9.77
CA TRP B 514 -1.03 -36.37 -8.69
C TRP B 514 -0.45 -35.89 -7.36
N THR B 515 -1.31 -35.87 -6.35
CA THR B 515 -0.92 -35.46 -5.00
C THR B 515 -1.28 -36.57 -4.02
N LEU B 516 -0.43 -36.73 -3.00
CA LEU B 516 -0.65 -37.68 -1.92
C LEU B 516 -0.92 -36.88 -0.64
N ASP B 517 -2.08 -37.11 -0.04
CA ASP B 517 -2.62 -36.29 1.06
C ASP B 517 -2.32 -34.81 0.83
N ASP B 518 -2.71 -34.32 -0.35
CA ASP B 518 -2.55 -32.95 -0.80
C ASP B 518 -1.09 -32.54 -0.94
N PHE B 519 -0.16 -33.50 -0.95
CA PHE B 519 1.25 -33.21 -1.19
C PHE B 519 1.62 -33.70 -2.57
N PRO B 520 2.14 -32.85 -3.45
CA PRO B 520 2.39 -33.27 -4.83
C PRO B 520 3.37 -34.43 -4.90
N ILE B 521 3.05 -35.39 -5.76
CA ILE B 521 3.87 -36.59 -5.93
C ILE B 521 4.94 -36.30 -6.98
N ASP B 522 6.19 -36.57 -6.62
CA ASP B 522 7.31 -36.36 -7.53
C ASP B 522 7.51 -37.60 -8.41
N PHE B 523 7.81 -37.38 -9.69
CA PHE B 523 8.09 -38.45 -10.62
C PHE B 523 9.51 -38.44 -11.14
N ASP B 524 10.18 -37.30 -11.09
CA ASP B 524 11.56 -37.16 -11.55
C ASP B 524 12.57 -37.49 -10.46
N LYS B 525 12.11 -37.86 -9.27
CA LYS B 525 13.01 -38.21 -8.19
C LYS B 525 13.75 -39.50 -8.53
N PRO B 526 15.08 -39.51 -8.52
CA PRO B 526 15.81 -40.77 -8.79
C PRO B 526 15.46 -41.83 -7.76
N GLY B 527 15.33 -43.06 -8.23
CA GLY B 527 14.89 -44.13 -7.36
C GLY B 527 13.48 -43.98 -6.86
N GLY B 528 12.67 -43.16 -7.53
CA GLY B 528 11.32 -42.93 -7.07
C GLY B 528 10.41 -44.12 -7.25
N HIS B 529 9.36 -44.16 -6.44
CA HIS B 529 8.40 -45.25 -6.44
C HIS B 529 7.19 -44.97 -7.32
N TYR B 530 7.16 -43.83 -8.01
CA TYR B 530 6.01 -43.42 -8.81
C TYR B 530 6.43 -43.26 -10.26
N ARG B 531 5.72 -43.92 -11.17
CA ARG B 531 6.04 -43.90 -12.58
C ARG B 531 4.79 -43.56 -13.39
N ARG B 532 4.92 -42.60 -14.29
CA ARG B 532 3.83 -42.29 -15.21
C ARG B 532 3.66 -43.41 -16.22
N THR B 533 2.40 -43.74 -16.51
CA THR B 533 2.07 -44.86 -17.38
C THR B 533 0.87 -44.49 -18.24
N ASN B 534 0.82 -45.08 -19.43
CA ASN B 534 -0.23 -44.82 -20.41
C ASN B 534 -0.31 -43.33 -20.75
N VAL B 535 0.86 -42.71 -20.92
CA VAL B 535 0.93 -41.26 -21.11
C VAL B 535 0.40 -40.93 -22.51
N LYS B 536 -0.80 -40.37 -22.55
CA LYS B 536 -1.40 -39.84 -23.77
C LYS B 536 -1.83 -38.40 -23.51
N GLU B 537 -2.47 -37.79 -24.50
CA GLU B 537 -2.97 -36.42 -24.32
C GLU B 537 -4.08 -36.38 -23.29
N THR B 538 -4.82 -37.47 -23.11
CA THR B 538 -5.94 -37.51 -22.18
C THR B 538 -5.79 -38.59 -21.12
N ILE B 539 -4.72 -39.37 -21.14
CA ILE B 539 -4.52 -40.47 -20.20
C ILE B 539 -3.20 -40.24 -19.46
N GLY B 540 -3.27 -40.23 -18.13
CA GLY B 540 -2.13 -39.91 -17.30
C GLY B 540 -1.90 -40.85 -16.13
N ASP B 541 -2.03 -42.16 -16.37
CA ASP B 541 -2.05 -43.13 -15.28
C ASP B 541 -0.75 -43.11 -14.48
N LEU B 542 -0.83 -43.64 -13.26
CA LEU B 542 0.34 -43.72 -12.38
C LEU B 542 0.48 -45.11 -11.80
N THR B 543 1.72 -45.57 -11.67
CA THR B 543 2.02 -46.87 -11.09
C THR B 543 2.98 -46.68 -9.91
N ILE B 544 2.63 -47.29 -8.78
CA ILE B 544 3.47 -47.36 -7.60
C ILE B 544 4.30 -48.62 -7.66
N LEU B 545 5.62 -48.45 -7.58
CA LEU B 545 6.58 -49.55 -7.60
C LEU B 545 7.30 -49.58 -6.27
N ASN B 546 7.35 -50.76 -5.63
CA ASN B 546 7.97 -50.94 -4.33
C ASN B 546 7.34 -50.00 -3.30
N ALA B 547 6.06 -50.26 -3.04
CA ALA B 547 5.28 -49.40 -2.16
C ALA B 547 5.84 -49.43 -0.74
N GLN B 548 5.75 -48.28 -0.07
CA GLN B 548 6.21 -48.11 1.30
C GLN B 548 5.05 -47.70 2.18
N LEU B 549 5.29 -47.68 3.49
CA LEU B 549 4.25 -47.29 4.44
C LEU B 549 3.80 -45.85 4.21
N ARG B 550 4.74 -44.95 3.91
CA ARG B 550 4.40 -43.55 3.71
C ARG B 550 3.54 -43.32 2.48
N HIS B 551 3.48 -44.28 1.55
CA HIS B 551 2.69 -44.11 0.34
C HIS B 551 1.20 -44.29 0.58
N GLY B 552 0.80 -44.78 1.75
CA GLY B 552 -0.62 -44.84 2.06
C GLY B 552 -1.19 -43.46 2.33
N GLY B 553 -2.41 -43.25 1.89
CA GLY B 553 -3.09 -41.99 2.06
C GLY B 553 -4.09 -41.76 0.96
N LYS B 554 -4.50 -40.50 0.83
CA LYS B 554 -5.51 -40.08 -0.14
C LYS B 554 -4.82 -39.52 -1.37
N TYR B 555 -4.93 -40.23 -2.49
CA TYR B 555 -4.42 -39.77 -3.77
C TYR B 555 -5.44 -38.86 -4.44
N THR B 556 -4.93 -37.87 -5.17
CA THR B 556 -5.77 -36.92 -5.89
C THR B 556 -5.16 -36.67 -7.26
N CYS B 557 -5.92 -36.98 -8.31
CA CYS B 557 -5.51 -36.68 -9.68
C CYS B 557 -6.17 -35.39 -10.13
N MET B 558 -5.37 -34.45 -10.63
CA MET B 558 -5.88 -33.17 -11.09
C MET B 558 -5.44 -32.94 -12.52
N ALA B 559 -6.41 -32.70 -13.40
CA ALA B 559 -6.15 -32.34 -14.79
C ALA B 559 -6.34 -30.83 -14.91
N GLN B 560 -5.31 -30.14 -15.39
CA GLN B 560 -5.29 -28.68 -15.40
C GLN B 560 -4.83 -28.17 -16.74
N THR B 561 -5.28 -26.97 -17.08
CA THR B 561 -4.86 -26.21 -18.24
C THR B 561 -4.27 -24.89 -17.75
N VAL B 562 -3.99 -23.98 -18.70
CA VAL B 562 -3.51 -22.66 -18.35
C VAL B 562 -4.58 -21.80 -17.70
N VAL B 563 -5.84 -22.24 -17.72
CA VAL B 563 -6.96 -21.45 -17.25
C VAL B 563 -7.64 -22.09 -16.05
N ASP B 564 -8.08 -23.35 -16.19
CA ASP B 564 -8.90 -24.00 -15.17
C ASP B 564 -8.35 -25.39 -14.87
N SER B 565 -9.03 -26.10 -13.98
CA SER B 565 -8.58 -27.42 -13.55
C SER B 565 -9.76 -28.17 -12.95
N ALA B 566 -9.56 -29.48 -12.78
CA ALA B 566 -10.53 -30.35 -12.14
C ALA B 566 -9.77 -31.49 -11.47
N SER B 567 -10.44 -32.17 -10.53
CA SER B 567 -9.73 -33.16 -9.72
C SER B 567 -10.68 -34.26 -9.27
N LYS B 568 -10.08 -35.41 -8.95
CA LYS B 568 -10.79 -36.57 -8.39
C LYS B 568 -9.90 -37.22 -7.35
N GLU B 569 -10.51 -37.99 -6.46
CA GLU B 569 -9.82 -38.51 -5.28
C GLU B 569 -10.04 -40.01 -5.13
N ALA B 570 -9.07 -40.66 -4.49
CA ALA B 570 -9.14 -42.07 -4.12
C ALA B 570 -8.20 -42.27 -2.93
N THR B 571 -8.12 -43.51 -2.45
CA THR B 571 -7.25 -43.80 -1.31
C THR B 571 -6.56 -45.15 -1.47
N VAL B 572 -5.35 -45.23 -0.89
CA VAL B 572 -4.53 -46.43 -0.91
C VAL B 572 -4.04 -46.70 0.50
N LEU B 573 -4.09 -47.97 0.91
CA LEU B 573 -3.56 -48.42 2.19
C LEU B 573 -2.39 -49.35 1.93
N VAL B 574 -1.29 -49.15 2.65
CA VAL B 574 -0.10 -49.98 2.52
C VAL B 574 0.23 -50.57 3.88
N ARG B 575 0.42 -51.88 3.93
CA ARG B 575 0.74 -52.57 5.18
C ARG B 575 2.25 -52.73 5.34
C1 NAG C . 20.69 15.21 10.30
C2 NAG C . 22.14 15.70 9.96
C3 NAG C . 22.13 16.99 9.16
C4 NAG C . 21.26 16.79 7.93
C5 NAG C . 19.81 16.79 8.38
C6 NAG C . 18.89 16.09 7.40
C7 NAG C . 24.17 15.33 11.29
C8 NAG C . 24.86 15.57 12.58
N2 NAG C . 22.94 15.84 11.17
O3 NAG C . 23.47 17.27 8.77
O4 NAG C . 21.44 17.79 6.94
O5 NAG C . 19.64 16.15 9.67
O6 NAG C . 17.71 15.61 8.03
O7 NAG C . 24.71 14.72 10.37
C1 NAG C . 21.48 19.15 7.41
C2 NAG C . 22.34 19.97 6.41
C3 NAG C . 21.57 21.16 5.88
C4 NAG C . 20.23 20.71 5.34
C5 NAG C . 19.36 20.26 6.50
C6 NAG C . 18.39 19.16 6.14
C7 NAG C . 23.72 21.18 8.07
C8 NAG C . 25.12 21.49 8.50
N2 NAG C . 23.61 20.38 7.00
O3 NAG C . 22.33 21.78 4.84
O4 NAG C . 19.57 21.77 4.65
O5 NAG C . 20.14 19.83 7.62
O6 NAG C . 17.05 19.63 6.11
O7 NAG C . 22.74 21.65 8.65
C1 BMA C . 19.31 22.83 5.59
C2 BMA C . 19.83 24.12 4.99
C3 BMA C . 19.75 25.18 6.09
C4 BMA C . 18.31 25.30 6.65
C5 BMA C . 17.67 23.91 6.96
C6 BMA C . 16.16 23.99 7.18
O2 BMA C . 18.98 24.56 3.94
O3 BMA C . 20.25 26.44 5.66
O4 BMA C . 18.32 26.08 7.83
O5 BMA C . 17.91 23.00 5.87
O6 BMA C . 15.56 22.87 6.56
C1 MAN C . 21.50 26.27 4.94
C2 MAN C . 22.67 26.66 5.87
C3 MAN C . 23.93 26.95 5.05
C4 MAN C . 23.85 26.31 3.66
C5 MAN C . 22.68 26.96 2.88
C6 MAN C . 22.31 26.23 1.60
O2 MAN C . 23.02 25.59 6.75
O3 MAN C . 25.12 26.53 5.72
O4 MAN C . 25.05 26.52 2.95
O5 MAN C . 21.48 27.03 3.73
O6 MAN C . 21.55 25.07 1.94
C1 NAG D . 25.22 -6.38 16.27
C2 NAG D . 26.18 -6.41 15.08
C3 NAG D . 26.06 -7.75 14.34
C4 NAG D . 26.21 -8.91 15.31
C5 NAG D . 25.26 -8.76 16.50
C6 NAG D . 25.48 -9.81 17.57
C7 NAG D . 26.82 -4.43 13.75
C8 NAG D . 28.21 -4.62 14.27
N2 NAG D . 25.90 -5.31 14.17
O3 NAG D . 27.03 -7.84 13.31
O4 NAG D . 25.96 -10.16 14.68
O5 NAG D . 25.48 -7.49 17.13
O6 NAG D . 24.32 -9.96 18.39
O7 NAG D . 26.54 -3.51 12.99
C1 NAG D . 24.78 -10.17 13.86
C2 NAG D . 25.10 -11.07 12.65
C3 NAG D . 24.20 -12.31 12.63
C4 NAG D . 22.73 -11.95 12.68
C5 NAG D . 22.50 -10.79 13.65
C6 NAG D . 21.29 -10.99 14.55
C7 NAG D . 26.02 -10.04 10.62
C8 NAG D . 25.72 -9.28 9.38
N2 NAG D . 24.98 -10.33 11.40
O3 NAG D . 24.54 -13.15 13.74
O4 NAG D . 22.27 -11.57 11.39
O5 NAG D . 23.62 -10.67 14.53
O6 NAG D . 20.23 -11.62 13.83
O7 NAG D . 27.16 -10.39 10.92
C1 NAG E . -14.40 6.18 -22.95
C2 NAG E . -15.37 7.24 -23.53
C3 NAG E . -14.61 8.44 -24.10
C4 NAG E . -13.66 8.97 -23.04
C5 NAG E . -12.55 7.96 -22.83
C6 NAG E . -12.04 7.95 -21.39
C7 NAG E . -17.57 6.73 -24.48
C8 NAG E . -18.33 6.09 -25.60
N2 NAG E . -16.25 6.66 -24.54
O3 NAG E . -15.56 9.43 -24.47
O4 NAG E . -13.06 10.21 -23.41
O5 NAG E . -12.96 6.63 -23.15
O6 NAG E . -11.02 6.99 -21.21
O7 NAG E . -18.15 7.29 -23.55
C1 NAG E . -12.71 10.31 -24.81
C2 NAG E . -12.85 11.80 -25.17
C3 NAG E . -11.53 12.37 -25.67
C4 NAG E . -10.42 12.01 -24.69
C5 NAG E . -10.17 10.51 -24.76
C6 NAG E . -9.75 9.91 -23.44
C7 NAG E . -13.93 11.46 -27.38
C8 NAG E . -15.11 11.82 -28.23
N2 NAG E . -13.91 12.01 -26.16
O3 NAG E . -11.65 13.78 -25.75
O4 NAG E . -9.22 12.69 -25.04
O5 NAG E . -11.35 9.80 -25.20
O6 NAG E . -8.34 9.70 -23.39
O7 NAG E . -13.04 10.73 -27.79
C1 BMA E . -8.79 12.28 -26.35
C2 BMA E . -8.61 13.52 -27.22
C3 BMA E . -8.34 13.05 -28.65
C4 BMA E . -7.14 12.07 -28.69
C5 BMA E . -7.22 10.97 -27.59
C6 BMA E . -5.92 10.22 -27.42
O2 BMA E . -7.47 14.26 -26.80
O3 BMA E . -8.14 14.13 -29.56
O4 BMA E . -7.09 11.44 -29.97
O5 BMA E . -7.56 11.57 -26.33
O6 BMA E . -5.73 9.97 -26.02
C1 MAN E . -9.12 15.17 -29.36
C2 MAN E . -10.22 15.05 -30.46
C3 MAN E . -10.99 16.37 -30.59
C4 MAN E . -10.84 17.22 -29.33
C5 MAN E . -9.35 17.62 -29.17
C6 MAN E . -9.03 18.24 -27.82
O2 MAN E . -11.18 14.05 -30.14
O3 MAN E . -12.37 16.14 -30.88
O4 MAN E . -11.63 18.39 -29.43
O5 MAN E . -8.49 16.46 -29.36
O6 MAN E . -8.93 17.19 -26.85
C1 NAG F . -28.86 -5.84 -9.30
C2 NAG F . -29.32 -4.42 -8.95
C3 NAG F . -29.55 -4.29 -7.45
C4 NAG F . -30.48 -5.38 -6.95
C5 NAG F . -29.94 -6.75 -7.38
C6 NAG F . -30.83 -7.91 -6.97
C7 NAG F . -28.74 -2.28 -10.02
C8 NAG F . -30.21 -2.07 -10.21
N2 NAG F . -28.38 -3.41 -9.42
O3 NAG F . -30.11 -3.01 -7.17
O4 NAG F . -30.62 -5.32 -5.53
O5 NAG F . -29.79 -6.79 -8.80
O6 NAG F . -30.10 -9.13 -7.01
O7 NAG F . -27.92 -1.46 -10.40
C1 NAG F . -29.38 -5.05 -4.83
C2 NAG F . -29.70 -4.27 -3.53
C3 NAG F . -29.39 -5.12 -2.30
C4 NAG F . -27.96 -5.62 -2.30
C5 NAG F . -27.53 -6.03 -3.70
C6 NAG F . -26.74 -7.33 -3.71
C7 NAG F . -29.54 -1.82 -3.60
C8 NAG F . -28.63 -0.64 -3.52
N2 NAG F . -28.97 -3.02 -3.48
O3 NAG F . -30.30 -6.22 -2.24
O4 NAG F . -27.09 -4.60 -1.83
O5 NAG F . -28.69 -6.26 -4.50
O6 NAG F . -25.92 -7.46 -2.55
O7 NAG F . -30.75 -1.70 -3.78
C1 NAG G . 9.39 -9.11 -52.27
C2 NAG G . 10.20 -9.48 -53.52
C3 NAG G . 9.31 -10.08 -54.60
C4 NAG G . 8.50 -11.24 -54.04
C5 NAG G . 7.73 -10.80 -52.79
C6 NAG G . 6.99 -11.94 -52.12
C7 NAG G . 10.70 -7.21 -54.57
C8 NAG G . 9.23 -6.89 -54.66
N2 NAG G . 11.05 -8.40 -54.03
O3 NAG G . 10.11 -10.52 -55.68
O4 NAG G . 7.57 -11.71 -55.01
O5 NAG G . 8.64 -10.26 -51.81
O6 NAG G . 7.85 -12.67 -51.25
O7 NAG G . 11.55 -6.43 -54.98
C1 NAG H . 18.98 -4.67 34.80
C2 NAG H . 19.40 -6.09 35.18
C3 NAG H . 19.70 -6.17 36.68
C4 NAG H . 20.72 -5.12 37.07
C5 NAG H . 20.24 -3.74 36.64
C6 NAG H . 21.25 -2.65 36.91
C7 NAG H . 18.64 -8.35 34.58
C8 NAG H . 17.46 -9.21 34.21
N2 NAG H . 18.38 -7.06 34.82
O3 NAG H . 20.18 -7.47 37.00
O4 NAG H . 20.93 -5.14 38.48
O5 NAG H . 19.98 -3.73 35.24
O6 NAG H . 20.72 -1.37 36.64
O7 NAG H . 19.77 -8.81 34.67
C1 NAG I . 0.91 43.22 31.92
C2 NAG I . 0.34 44.47 32.63
C3 NAG I . 1.08 44.78 33.93
C4 NAG I . 1.14 43.54 34.81
C5 NAG I . 1.75 42.37 34.03
C6 NAG I . 1.76 41.09 34.82
C7 NAG I . 1.25 46.35 31.17
C8 NAG I . 2.66 45.91 31.42
N2 NAG I . 0.25 45.64 31.75
O3 NAG I . 0.42 45.84 34.62
O4 NAG I . 1.96 43.80 35.95
O5 NAG I . 0.96 42.13 32.85
O6 NAG I . 0.47 40.51 34.91
O7 NAG I . 1.00 47.32 30.46
C1 NAG J . -27.19 -22.61 -18.86
C2 NAG J . -28.40 -23.33 -18.24
C3 NAG J . -28.98 -24.35 -19.21
C4 NAG J . -29.30 -23.70 -20.54
C5 NAG J . -28.04 -23.05 -21.10
C6 NAG J . -28.27 -22.32 -22.39
C7 NAG J . -28.90 -24.10 -15.96
C8 NAG J . -28.36 -24.76 -14.73
N2 NAG J . -28.05 -23.95 -16.97
O3 NAG J . -30.14 -24.96 -18.66
O4 NAG J . -29.82 -24.64 -21.47
O5 NAG J . -27.55 -22.08 -20.16
O6 NAG J . -27.27 -21.34 -22.63
O7 NAG J . -30.07 -23.73 -16.04
#